data_6ERC
#
_entry.id   6ERC
#
_cell.length_a   128.253
_cell.length_b   128.253
_cell.length_c   146.015
_cell.angle_alpha   90.000
_cell.angle_beta   90.000
_cell.angle_gamma   120.000
#
_symmetry.space_group_name_H-M   'P 31 2 1'
#
loop_
_entity.id
_entity.type
_entity.pdbx_description
1 polymer 'Peroxinectin A'
2 non-polymer 2-acetamido-2-deoxy-beta-D-glucopyranose
3 non-polymer 'PROTOPORPHYRIN IX CONTAINING FE'
4 non-polymer 'CALCIUM ION'
5 non-polymer beta-D-mannopyranose
6 non-polymer (4S)-2-METHYL-2,4-PENTANEDIOL
7 non-polymer 'CHLORIDE ION'
8 non-polymer 'SODIUM ION'
9 non-polymer (4R)-2-METHYLPENTANE-2,4-DIOL
10 water water
#
_entity_poly.entity_id   1
_entity_poly.type   'polypeptide(L)'
_entity_poly.pdbx_seq_one_letter_code
;SQEFRSYTGEGNNKQNPKQGSIFTPFIRLANPIKFNKNGFPNITNQPSRAISNIIFDQQTHIGSKEHLTDMFNMWGQFLI
HNMALSKPEPNSWPIKVPKCDQYFDPACIGNKTMNYFRTRATEVPCDVGKTVVDEDGKCYEQINSLGSYIDGNVLYGNSE
EICKNLRSLSGGEMKMTVTDVGDLPPKNVPGVPMDNDANLFPIDQLYSVGERRGNENPGLLSIHTLLLRDHNRLARKFAR
LHPEWDDERVFQQSRSCIIEQIQKITYDEYLPTTLGSFPSYTGYDANVNAQVSNEFTTTAFRFGHSEVGPFMEYYSENGT
RLQPLPIKFSYFNPHALNRGVEPLIRGLIINEEENIDIYMISDLRNFLFGKPGQGGLDLASRNLQRNRDHGIPPYNSLRR
QLGLRPVQTWSDITSDPQIQNRLKNAYKSVDDIDSYVGGLAEDHMEGSCVGQTFYLIIYEQFFRTRAGDRFWYETPEMRM
VNRECETTTFAEVIKRTTSNIGYVQPNVFRK
;
_entity_poly.pdbx_strand_id   A,B
#
# COMPACT_ATOMS: atom_id res chain seq x y z
N SER A 1 32.33 11.37 -24.23
CA SER A 1 31.22 11.10 -23.33
C SER A 1 30.58 9.75 -23.66
N GLN A 2 31.17 8.68 -23.15
CA GLN A 2 30.68 7.33 -23.44
C GLN A 2 29.31 7.12 -22.83
N GLU A 3 28.45 6.43 -23.56
CA GLU A 3 27.11 6.11 -23.08
C GLU A 3 27.14 4.85 -22.23
N PHE A 4 26.56 4.94 -21.03
CA PHE A 4 26.43 3.80 -20.14
C PHE A 4 24.97 3.53 -19.85
N ARG A 5 24.69 2.30 -19.42
CA ARG A 5 23.33 1.91 -19.08
C ARG A 5 22.71 2.89 -18.10
N SER A 6 21.40 2.98 -18.14
CA SER A 6 20.67 3.61 -17.06
C SER A 6 20.54 2.63 -15.89
N TYR A 7 20.09 3.13 -14.75
CA TYR A 7 19.85 2.28 -13.60
C TYR A 7 18.43 1.71 -13.59
N THR A 8 17.53 2.26 -14.41
CA THR A 8 16.13 1.84 -14.42
C THR A 8 15.80 0.90 -15.57
N GLY A 9 16.63 0.84 -16.60
CA GLY A 9 16.38 0.01 -17.75
C GLY A 9 15.87 0.76 -18.98
N GLU A 10 15.33 1.96 -18.79
CA GLU A 10 14.87 2.72 -19.93
C GLU A 10 16.04 3.30 -20.72
N GLY A 11 15.77 3.67 -21.97
CA GLY A 11 16.81 4.04 -22.90
C GLY A 11 17.52 2.88 -23.56
N ASN A 12 17.28 1.65 -23.11
CA ASN A 12 17.94 0.50 -23.71
C ASN A 12 17.46 0.27 -25.14
N ASN A 13 16.18 0.50 -25.40
CA ASN A 13 15.62 0.41 -26.73
C ASN A 13 15.29 1.81 -27.21
N LYS A 14 15.93 2.23 -28.31
CA LYS A 14 15.77 3.60 -28.79
C LYS A 14 14.32 3.87 -29.19
N GLN A 15 13.71 2.95 -29.94
CA GLN A 15 12.38 3.19 -30.47
C GLN A 15 11.32 3.13 -29.38
N ASN A 16 11.56 2.34 -28.33
CA ASN A 16 10.62 2.18 -27.21
C ASN A 16 11.40 2.40 -25.93
N PRO A 17 11.67 3.66 -25.57
CA PRO A 17 12.56 3.93 -24.43
C PRO A 17 12.20 3.16 -23.17
N LYS A 18 10.92 3.13 -22.81
CA LYS A 18 10.50 2.47 -21.58
C LYS A 18 10.51 0.94 -21.68
N GLN A 19 10.80 0.39 -22.86
CA GLN A 19 10.76 -1.06 -23.05
C GLN A 19 11.76 -1.74 -22.13
N GLY A 20 11.26 -2.60 -21.25
CA GLY A 20 12.10 -3.30 -20.29
C GLY A 20 12.41 -2.53 -19.04
N SER A 21 11.95 -1.28 -18.91
CA SER A 21 12.30 -0.46 -17.76
C SER A 21 11.45 -0.84 -16.55
N ILE A 22 11.87 -0.34 -15.39
CA ILE A 22 11.24 -0.70 -14.13
C ILE A 22 9.80 -0.18 -14.09
N PHE A 23 8.94 -0.89 -13.35
CA PHE A 23 7.55 -0.50 -13.13
C PHE A 23 6.74 -0.53 -14.43
N THR A 24 6.97 -1.57 -15.25
CA THR A 24 6.21 -1.73 -16.48
C THR A 24 5.50 -3.08 -16.50
N PRO A 25 4.34 -3.18 -17.16
CA PRO A 25 3.60 -4.44 -17.16
C PRO A 25 4.45 -5.60 -17.66
N PHE A 26 4.18 -6.78 -17.10
CA PHE A 26 4.80 -8.00 -17.59
C PHE A 26 4.30 -8.34 -18.98
N ILE A 27 5.00 -9.25 -19.64
CA ILE A 27 4.59 -9.81 -20.91
C ILE A 27 3.82 -11.10 -20.65
N ARG A 28 2.98 -11.49 -21.61
CA ARG A 28 2.25 -12.74 -21.55
C ARG A 28 2.61 -13.61 -22.74
N LEU A 29 2.99 -14.86 -22.47
CA LEU A 29 3.10 -15.84 -23.54
C LEU A 29 1.75 -16.45 -23.87
N ALA A 30 0.84 -16.50 -22.89
CA ALA A 30 -0.47 -17.10 -23.04
C ALA A 30 -1.51 -16.19 -22.40
N ASN A 31 -2.70 -16.16 -22.99
CA ASN A 31 -3.77 -15.35 -22.43
C ASN A 31 -4.02 -15.75 -20.97
N PRO A 32 -4.18 -14.79 -20.07
CA PRO A 32 -4.57 -15.15 -18.70
C PRO A 32 -6.06 -15.40 -18.57
N ILE A 33 -6.42 -16.23 -17.59
CA ILE A 33 -7.82 -16.41 -17.23
C ILE A 33 -8.19 -15.32 -16.23
N LYS A 34 -9.48 -14.98 -16.20
CA LYS A 34 -9.94 -13.90 -15.33
C LYS A 34 -9.48 -14.13 -13.89
N PHE A 35 -8.81 -13.14 -13.33
CA PHE A 35 -8.30 -13.22 -11.97
C PHE A 35 -8.96 -12.24 -11.02
N ASN A 36 -9.87 -11.39 -11.51
CA ASN A 36 -10.69 -10.52 -10.67
C ASN A 36 -9.82 -9.71 -9.71
N LYS A 37 -9.06 -8.79 -10.31
CA LYS A 37 -8.03 -8.04 -9.58
C LYS A 37 -8.57 -7.47 -8.27
N ASN A 38 -9.64 -6.68 -8.34
CA ASN A 38 -10.12 -5.95 -7.17
C ASN A 38 -10.68 -6.87 -6.09
N GLY A 39 -11.02 -8.12 -6.42
CA GLY A 39 -11.48 -9.06 -5.44
C GLY A 39 -10.58 -10.28 -5.35
N PHE A 40 -11.16 -11.45 -5.01
CA PHE A 40 -10.43 -12.70 -5.09
C PHE A 40 -10.62 -13.34 -6.46
N PRO A 41 -9.66 -14.12 -6.96
CA PRO A 41 -9.91 -14.87 -8.19
C PRO A 41 -10.91 -15.98 -7.97
N ASN A 42 -11.73 -16.23 -8.99
CA ASN A 42 -12.73 -17.29 -8.93
C ASN A 42 -12.03 -18.62 -9.18
N ILE A 43 -11.69 -19.32 -8.09
CA ILE A 43 -10.95 -20.58 -8.17
C ILE A 43 -11.90 -21.70 -7.76
N THR A 44 -12.06 -22.70 -8.63
CA THR A 44 -12.84 -23.88 -8.29
C THR A 44 -12.00 -25.01 -7.73
N ASN A 45 -10.69 -25.00 -7.97
CA ASN A 45 -9.80 -26.00 -7.40
C ASN A 45 -9.67 -25.80 -5.90
N GLN A 46 -8.93 -26.70 -5.25
CA GLN A 46 -8.73 -26.60 -3.81
C GLN A 46 -7.88 -25.38 -3.48
N PRO A 47 -8.01 -24.84 -2.27
CA PRO A 47 -7.19 -23.67 -1.89
C PRO A 47 -5.70 -23.99 -1.95
N SER A 48 -4.90 -22.92 -1.94
CA SER A 48 -3.45 -23.06 -2.11
C SER A 48 -2.85 -23.94 -1.02
N ARG A 49 -3.19 -23.67 0.25
CA ARG A 49 -2.59 -24.42 1.34
C ARG A 49 -2.96 -25.90 1.29
N ALA A 50 -4.12 -26.22 0.74
CA ALA A 50 -4.49 -27.63 0.56
C ALA A 50 -3.61 -28.28 -0.50
N ILE A 51 -3.50 -27.64 -1.66
CA ILE A 51 -2.61 -28.16 -2.70
C ILE A 51 -1.19 -28.30 -2.17
N SER A 52 -0.78 -27.39 -1.29
CA SER A 52 0.56 -27.48 -0.70
C SER A 52 0.70 -28.75 0.12
N ASN A 53 -0.27 -29.03 0.98
CA ASN A 53 -0.19 -30.21 1.84
C ASN A 53 -0.30 -31.49 1.01
N ILE A 54 -1.12 -31.49 -0.03
CA ILE A 54 -1.36 -32.72 -0.78
C ILE A 54 -0.15 -33.05 -1.66
N ILE A 55 0.35 -32.06 -2.39
CA ILE A 55 1.36 -32.29 -3.42
C ILE A 55 2.77 -31.99 -2.90
N PHE A 56 2.97 -30.81 -2.32
CA PHE A 56 4.33 -30.33 -2.04
C PHE A 56 4.95 -30.90 -0.78
N ASP A 57 4.19 -31.60 0.06
CA ASP A 57 4.74 -32.10 1.31
C ASP A 57 5.95 -32.99 1.06
N GLN A 58 7.00 -32.76 1.82
CA GLN A 58 8.24 -33.52 1.70
C GLN A 58 8.64 -34.04 3.07
N GLN A 59 8.97 -35.32 3.15
CA GLN A 59 9.36 -35.96 4.40
C GLN A 59 10.77 -36.52 4.39
N THR A 60 11.37 -36.72 3.22
CA THR A 60 12.70 -37.33 3.13
C THR A 60 13.55 -36.56 2.14
N HIS A 61 14.85 -36.85 2.16
CA HIS A 61 15.77 -36.28 1.19
C HIS A 61 15.70 -37.06 -0.10
N ILE A 62 15.58 -36.34 -1.23
CA ILE A 62 15.62 -36.96 -2.54
C ILE A 62 17.02 -36.75 -3.12
N GLY A 63 17.40 -35.50 -3.31
CA GLY A 63 18.71 -35.18 -3.86
C GLY A 63 18.68 -35.02 -5.36
N SER A 64 19.31 -33.96 -5.86
CA SER A 64 19.30 -33.65 -7.28
C SER A 64 19.73 -34.84 -8.11
N LYS A 65 18.86 -35.27 -9.04
CA LYS A 65 19.22 -36.34 -9.95
C LYS A 65 20.29 -35.92 -10.94
N GLU A 66 20.42 -34.63 -11.20
CA GLU A 66 21.46 -34.11 -12.08
C GLU A 66 22.76 -33.83 -11.32
N HIS A 67 22.77 -34.00 -10.01
CA HIS A 67 23.97 -33.82 -9.19
C HIS A 67 24.43 -32.36 -9.21
N LEU A 68 23.49 -31.46 -8.98
CA LEU A 68 23.77 -30.04 -8.93
C LEU A 68 24.04 -29.60 -7.49
N THR A 69 24.65 -28.43 -7.37
CA THR A 69 25.11 -27.93 -6.09
C THR A 69 24.19 -26.84 -5.57
N ASP A 70 24.30 -26.58 -4.25
CA ASP A 70 23.58 -25.45 -3.67
C ASP A 70 23.97 -24.14 -4.34
N MET A 71 25.23 -24.01 -4.77
CA MET A 71 25.67 -22.81 -5.45
C MET A 71 24.89 -22.58 -6.73
N PHE A 72 24.42 -23.65 -7.38
CA PHE A 72 23.66 -23.51 -8.62
C PHE A 72 22.36 -22.75 -8.38
N ASN A 73 21.62 -23.10 -7.33
CA ASN A 73 20.37 -22.40 -7.07
C ASN A 73 20.60 -21.07 -6.38
N MET A 74 21.75 -20.88 -5.73
CA MET A 74 22.10 -19.55 -5.23
C MET A 74 22.29 -18.58 -6.37
N TRP A 75 22.86 -19.03 -7.49
CA TRP A 75 22.97 -18.16 -8.65
C TRP A 75 21.61 -17.94 -9.30
N GLY A 76 20.79 -18.99 -9.36
CA GLY A 76 19.44 -18.83 -9.88
C GLY A 76 18.66 -17.78 -9.13
N GLN A 77 18.69 -17.85 -7.80
CA GLN A 77 18.01 -16.84 -7.00
C GLN A 77 18.66 -15.47 -7.20
N PHE A 78 19.98 -15.45 -7.32
CA PHE A 78 20.68 -14.20 -7.62
C PHE A 78 20.32 -13.69 -9.01
N LEU A 79 20.09 -14.59 -9.95
CA LEU A 79 19.77 -14.18 -11.32
C LEU A 79 18.39 -13.55 -11.41
N ILE A 80 17.39 -14.16 -10.76
CA ILE A 80 16.03 -13.62 -10.86
C ILE A 80 15.96 -12.25 -10.21
N HIS A 81 16.72 -12.02 -9.14
CA HIS A 81 16.74 -10.70 -8.53
C HIS A 81 17.35 -9.64 -9.44
N ASN A 82 17.93 -10.04 -10.57
CA ASN A 82 18.36 -9.10 -11.60
C ASN A 82 17.29 -8.83 -12.65
N MET A 83 16.11 -9.45 -12.53
CA MET A 83 15.17 -9.46 -13.64
C MET A 83 13.73 -9.11 -13.26
N ALA A 84 13.22 -9.61 -12.14
CA ALA A 84 11.79 -9.48 -11.88
C ALA A 84 11.51 -9.33 -10.39
N LEU A 85 10.52 -8.50 -10.08
CA LEU A 85 9.98 -8.39 -8.73
C LEU A 85 8.48 -8.16 -8.83
N SER A 86 7.69 -9.05 -8.23
CA SER A 86 6.24 -8.92 -8.19
C SER A 86 5.87 -8.22 -6.88
N LYS A 87 6.07 -6.92 -6.85
CA LYS A 87 5.86 -6.16 -5.62
C LYS A 87 4.37 -6.07 -5.32
N PRO A 88 3.91 -6.51 -4.14
CA PRO A 88 2.47 -6.45 -3.85
C PRO A 88 1.99 -5.06 -3.48
N GLU A 89 0.70 -4.83 -3.73
CA GLU A 89 -0.03 -3.70 -3.16
C GLU A 89 -0.73 -4.13 -1.88
N PRO A 90 -1.24 -3.17 -1.10
CA PRO A 90 -2.08 -3.56 0.05
C PRO A 90 -3.45 -4.07 -0.39
N ASN A 91 -3.45 -5.09 -1.25
CA ASN A 91 -4.65 -5.69 -1.82
C ASN A 91 -4.71 -7.11 -1.29
N SER A 92 -5.36 -7.30 -0.15
CA SER A 92 -5.25 -8.54 0.62
C SER A 92 -6.15 -9.62 0.04
N TRP A 93 -5.55 -10.75 -0.34
CA TRP A 93 -6.26 -12.00 -0.62
C TRP A 93 -5.63 -13.07 0.26
N PRO A 94 -6.00 -13.13 1.54
CA PRO A 94 -5.33 -14.03 2.47
C PRO A 94 -5.34 -15.47 2.00
N ILE A 95 -4.38 -16.23 2.50
CA ILE A 95 -4.29 -17.66 2.22
C ILE A 95 -5.07 -18.40 3.30
N LYS A 96 -6.12 -19.10 2.88
CA LYS A 96 -6.95 -19.83 3.82
C LYS A 96 -6.24 -21.09 4.30
N VAL A 97 -6.28 -21.32 5.62
CA VAL A 97 -5.70 -22.50 6.23
C VAL A 97 -6.83 -23.53 6.42
N PRO A 98 -6.72 -24.73 5.87
CA PRO A 98 -7.73 -25.75 6.15
C PRO A 98 -7.89 -25.97 7.65
N LYS A 99 -9.13 -26.19 8.08
CA LYS A 99 -9.38 -26.41 9.50
C LYS A 99 -8.57 -27.61 9.99
N CYS A 100 -7.99 -27.44 11.19
CA CYS A 100 -7.21 -28.48 11.85
C CYS A 100 -5.82 -28.67 11.24
N ASP A 101 -5.36 -27.74 10.43
CA ASP A 101 -4.01 -27.87 9.87
C ASP A 101 -2.99 -27.95 11.00
N GLN A 102 -2.19 -29.02 10.97
CA GLN A 102 -1.24 -29.26 12.06
C GLN A 102 -0.17 -28.18 12.17
N TYR A 103 0.11 -27.46 11.09
CA TYR A 103 1.15 -26.43 11.12
C TYR A 103 0.61 -25.03 11.36
N PHE A 104 -0.66 -24.76 11.03
CA PHE A 104 -1.19 -23.41 11.15
C PHE A 104 -2.58 -23.36 11.78
N ASP A 105 -3.12 -24.47 12.27
CA ASP A 105 -4.43 -24.46 12.90
C ASP A 105 -4.68 -25.76 13.66
N PRO A 106 -3.80 -26.13 14.60
CA PRO A 106 -4.01 -27.40 15.31
C PRO A 106 -5.24 -27.39 16.21
N ALA A 107 -5.65 -26.21 16.70
CA ALA A 107 -6.84 -26.10 17.54
C ALA A 107 -8.14 -26.20 16.73
N CYS A 108 -8.05 -26.35 15.41
CA CYS A 108 -9.22 -26.56 14.58
C CYS A 108 -10.17 -25.37 14.59
N ILE A 109 -9.59 -24.16 14.57
CA ILE A 109 -10.37 -22.94 14.36
C ILE A 109 -10.32 -22.65 12.87
N GLY A 110 -11.45 -22.81 12.19
CA GLY A 110 -11.46 -22.74 10.74
C GLY A 110 -11.43 -21.35 10.14
N ASN A 111 -10.90 -20.37 10.87
CA ASN A 111 -10.76 -19.01 10.37
C ASN A 111 -9.30 -18.56 10.26
N LYS A 112 -8.34 -19.47 10.43
CA LYS A 112 -6.93 -19.11 10.41
C LYS A 112 -6.45 -18.88 8.98
N THR A 113 -5.56 -17.90 8.81
CA THR A 113 -5.06 -17.53 7.50
C THR A 113 -3.58 -17.20 7.58
N MET A 114 -2.96 -17.11 6.41
CA MET A 114 -1.60 -16.61 6.25
C MET A 114 -1.64 -15.37 5.37
N ASN A 115 -0.87 -14.35 5.76
CA ASN A 115 -0.87 -13.09 5.02
C ASN A 115 -0.55 -13.32 3.56
N TYR A 116 -1.32 -12.68 2.68
CA TYR A 116 -0.96 -12.60 1.26
C TYR A 116 -1.56 -11.33 0.68
N PHE A 117 -0.75 -10.61 -0.09
CA PHE A 117 -1.17 -9.38 -0.74
C PHE A 117 -0.95 -9.52 -2.24
N ARG A 118 -1.95 -9.15 -3.02
CA ARG A 118 -1.91 -9.37 -4.46
C ARG A 118 -0.90 -8.44 -5.12
N THR A 119 -0.34 -8.91 -6.22
CA THR A 119 0.70 -8.16 -6.92
C THR A 119 0.16 -6.87 -7.49
N ARG A 120 0.97 -5.83 -7.46
CA ARG A 120 0.61 -4.56 -8.08
C ARG A 120 0.23 -4.79 -9.53
N ALA A 121 -0.88 -4.17 -9.91
CA ALA A 121 -1.39 -4.28 -11.27
C ALA A 121 -1.82 -2.91 -11.74
N THR A 122 -1.97 -2.79 -13.06
CA THR A 122 -2.36 -1.55 -13.70
C THR A 122 -3.27 -1.89 -14.88
N GLU A 123 -4.15 -0.95 -15.19
CA GLU A 123 -5.06 -1.11 -16.30
C GLU A 123 -4.28 -1.10 -17.61
N VAL A 124 -4.68 -1.97 -18.54
CA VAL A 124 -4.03 -2.07 -19.85
C VAL A 124 -5.11 -2.10 -20.92
N PRO A 125 -4.71 -1.84 -22.17
CA PRO A 125 -5.69 -1.92 -23.27
C PRO A 125 -6.14 -3.35 -23.49
N CYS A 126 -7.43 -3.50 -23.78
CA CYS A 126 -8.00 -4.83 -23.98
C CYS A 126 -7.77 -5.37 -25.38
N ASP A 127 -7.41 -4.51 -26.34
CA ASP A 127 -7.15 -4.93 -27.71
C ASP A 127 -5.66 -4.83 -28.04
N VAL A 128 -4.81 -5.21 -27.09
CA VAL A 128 -3.36 -5.16 -27.26
C VAL A 128 -2.74 -6.34 -26.54
N GLY A 129 -2.02 -7.18 -27.29
CA GLY A 129 -1.32 -8.30 -26.69
C GLY A 129 -2.26 -9.40 -26.22
N LYS A 130 -1.75 -10.21 -25.30
CA LYS A 130 -2.49 -11.31 -24.70
C LYS A 130 -2.94 -10.87 -23.30
N THR A 131 -4.18 -10.45 -23.17
CA THR A 131 -4.75 -10.07 -21.88
C THR A 131 -6.07 -10.81 -21.72
N VAL A 132 -6.89 -10.34 -20.77
CA VAL A 132 -8.24 -10.84 -20.57
C VAL A 132 -9.09 -9.73 -19.99
N VAL A 133 -10.36 -9.71 -20.36
CA VAL A 133 -11.31 -8.77 -19.78
C VAL A 133 -11.62 -9.22 -18.36
N ASP A 134 -11.20 -8.43 -17.38
CA ASP A 134 -11.48 -8.75 -15.99
C ASP A 134 -12.98 -8.77 -15.75
N GLU A 135 -13.37 -9.29 -14.59
CA GLU A 135 -14.77 -9.42 -14.25
C GLU A 135 -15.44 -8.08 -14.00
N ASP A 136 -14.67 -7.01 -13.82
CA ASP A 136 -15.22 -5.67 -13.71
C ASP A 136 -15.28 -4.97 -15.07
N GLY A 137 -14.95 -5.67 -16.16
CA GLY A 137 -15.08 -5.12 -17.49
C GLY A 137 -13.86 -4.42 -18.02
N LYS A 138 -12.72 -4.52 -17.34
CA LYS A 138 -11.49 -3.87 -17.76
C LYS A 138 -10.38 -4.90 -17.82
N CYS A 139 -9.25 -4.50 -18.40
CA CYS A 139 -8.11 -5.38 -18.58
C CYS A 139 -6.94 -4.92 -17.72
N TYR A 140 -6.33 -5.86 -17.01
CA TYR A 140 -5.23 -5.56 -16.11
C TYR A 140 -4.03 -6.44 -16.40
N GLU A 141 -2.86 -5.90 -16.06
CA GLU A 141 -1.61 -6.63 -16.17
C GLU A 141 -0.75 -6.35 -14.95
N GLN A 142 -0.04 -7.38 -14.50
CA GLN A 142 0.82 -7.22 -13.34
C GLN A 142 2.06 -6.39 -13.68
N ILE A 143 2.59 -5.71 -12.67
CA ILE A 143 3.67 -4.74 -12.82
C ILE A 143 4.97 -5.34 -12.32
N ASN A 144 6.00 -5.29 -13.16
CA ASN A 144 7.35 -5.68 -12.76
C ASN A 144 8.03 -4.50 -12.07
N SER A 145 8.20 -4.60 -10.76
CA SER A 145 8.87 -3.55 -9.99
C SER A 145 10.39 -3.68 -10.02
N LEU A 146 10.95 -4.01 -11.18
CA LEU A 146 12.39 -4.17 -11.34
C LEU A 146 12.71 -4.12 -12.82
N GLY A 147 13.91 -3.64 -13.13
CA GLY A 147 14.37 -3.62 -14.51
C GLY A 147 14.49 -5.01 -15.08
N SER A 148 13.96 -5.22 -16.29
CA SER A 148 13.95 -6.54 -16.90
C SER A 148 15.31 -6.98 -17.42
N TYR A 149 16.23 -6.04 -17.61
CA TYR A 149 17.55 -6.37 -18.13
C TYR A 149 18.47 -6.85 -17.02
N ILE A 150 19.37 -7.76 -17.39
CA ILE A 150 20.44 -8.18 -16.49
C ILE A 150 21.46 -7.04 -16.48
N ASP A 151 21.34 -6.13 -15.50
CA ASP A 151 22.06 -4.86 -15.53
C ASP A 151 22.72 -4.55 -14.19
N GLY A 152 22.93 -5.56 -13.35
CA GLY A 152 23.60 -5.35 -12.09
C GLY A 152 22.84 -4.55 -11.06
N ASN A 153 21.55 -4.30 -11.29
CA ASN A 153 20.74 -3.59 -10.30
C ASN A 153 20.85 -4.22 -8.93
N VAL A 154 21.13 -5.52 -8.88
CA VAL A 154 21.31 -6.21 -7.61
C VAL A 154 22.42 -5.58 -6.79
N LEU A 155 23.43 -5.02 -7.44
CA LEU A 155 24.54 -4.38 -6.74
C LEU A 155 24.41 -2.87 -6.63
N TYR A 156 23.96 -2.21 -7.70
CA TYR A 156 24.05 -0.76 -7.80
C TYR A 156 22.72 -0.05 -7.58
N GLY A 157 21.62 -0.80 -7.40
CA GLY A 157 20.34 -0.18 -7.15
C GLY A 157 19.61 0.20 -8.41
N ASN A 158 18.37 0.67 -8.22
CA ASN A 158 17.45 0.91 -9.32
C ASN A 158 17.34 2.39 -9.71
N SER A 159 18.30 3.22 -9.28
CA SER A 159 18.26 4.63 -9.65
C SER A 159 19.62 5.25 -9.33
N GLU A 160 19.78 6.51 -9.76
CA GLU A 160 21.01 7.24 -9.48
C GLU A 160 21.19 7.47 -7.98
N GLU A 161 20.14 7.91 -7.30
CA GLU A 161 20.26 8.30 -5.91
C GLU A 161 20.64 7.12 -5.03
N ILE A 162 20.00 5.96 -5.25
CA ILE A 162 20.35 4.78 -4.46
C ILE A 162 21.77 4.33 -4.78
N CYS A 163 22.16 4.41 -6.05
CA CYS A 163 23.50 3.98 -6.42
C CYS A 163 24.56 4.82 -5.72
N LYS A 164 24.45 6.14 -5.83
CA LYS A 164 25.47 7.02 -5.28
C LYS A 164 25.52 7.01 -3.76
N ASN A 165 24.55 6.36 -3.10
CA ASN A 165 24.64 6.14 -1.66
C ASN A 165 25.33 4.83 -1.32
N LEU A 166 25.29 3.85 -2.22
CA LEU A 166 25.95 2.58 -1.99
C LEU A 166 27.44 2.61 -2.33
N ARG A 167 27.89 3.61 -3.06
CA ARG A 167 29.29 3.68 -3.49
C ARG A 167 30.03 4.76 -2.73
N SER A 168 31.34 4.55 -2.56
CA SER A 168 32.15 5.45 -1.75
C SER A 168 32.38 6.80 -2.41
N LEU A 169 32.19 6.89 -3.73
CA LEU A 169 32.47 8.10 -4.48
C LEU A 169 33.96 8.45 -4.47
N SER A 170 34.82 7.45 -4.27
CA SER A 170 36.26 7.64 -4.26
C SER A 170 36.88 6.45 -5.00
N GLY A 171 37.66 6.74 -6.02
CA GLY A 171 38.25 5.68 -6.82
C GLY A 171 37.24 4.81 -7.53
N GLY A 172 35.99 5.26 -7.61
CA GLY A 172 34.95 4.49 -8.28
C GLY A 172 34.58 3.21 -7.57
N GLU A 173 34.76 3.15 -6.25
CA GLU A 173 34.57 1.93 -5.49
C GLU A 173 33.21 1.92 -4.79
N MET A 174 32.83 0.73 -4.35
CA MET A 174 31.60 0.52 -3.59
C MET A 174 31.89 0.55 -2.10
N LYS A 175 30.97 1.12 -1.32
CA LYS A 175 31.10 1.08 0.13
C LYS A 175 31.20 -0.37 0.61
N MET A 176 31.96 -0.56 1.68
CA MET A 176 32.25 -1.90 2.16
C MET A 176 32.48 -1.84 3.66
N THR A 177 32.24 -2.97 4.32
CA THR A 177 32.52 -3.12 5.75
C THR A 177 33.80 -3.94 5.89
N VAL A 178 34.90 -3.28 6.25
CA VAL A 178 36.15 -3.99 6.47
C VAL A 178 36.09 -4.66 7.83
N THR A 179 36.41 -5.96 7.87
CA THR A 179 36.31 -6.74 9.09
C THR A 179 37.54 -7.63 9.19
N ASP A 180 37.64 -8.33 10.34
CA ASP A 180 38.72 -9.28 10.55
C ASP A 180 38.64 -10.49 9.63
N VAL A 181 37.53 -10.67 8.92
CA VAL A 181 37.35 -11.83 8.05
C VAL A 181 36.99 -11.35 6.65
N GLY A 182 37.78 -10.42 6.12
CA GLY A 182 37.57 -9.91 4.78
C GLY A 182 36.61 -8.75 4.74
N ASP A 183 36.37 -8.27 3.52
CA ASP A 183 35.49 -7.14 3.29
C ASP A 183 34.06 -7.63 3.08
N LEU A 184 33.12 -7.03 3.80
CA LEU A 184 31.71 -7.39 3.70
C LEU A 184 30.91 -6.19 3.21
N PRO A 185 29.66 -6.39 2.79
CA PRO A 185 28.86 -5.25 2.29
C PRO A 185 28.64 -4.22 3.38
N PRO A 186 28.17 -3.03 3.02
CA PRO A 186 27.95 -1.97 4.01
C PRO A 186 26.63 -2.15 4.75
N LYS A 187 26.44 -1.31 5.76
CA LYS A 187 25.24 -1.37 6.58
C LYS A 187 24.76 0.03 6.92
N ASN A 188 23.46 0.13 7.22
CA ASN A 188 22.84 1.39 7.67
C ASN A 188 23.00 2.50 6.64
N VAL A 189 23.15 2.15 5.37
CA VAL A 189 23.34 3.14 4.32
C VAL A 189 22.04 3.91 4.14
N PRO A 190 22.03 5.23 4.32
CA PRO A 190 20.79 5.99 4.11
C PRO A 190 20.31 5.87 2.67
N GLY A 191 18.99 5.82 2.52
CA GLY A 191 18.37 5.75 1.21
C GLY A 191 18.32 4.39 0.58
N VAL A 192 18.81 3.35 1.26
CA VAL A 192 18.81 2.00 0.72
C VAL A 192 17.84 1.13 1.53
N PRO A 193 16.55 1.13 1.22
CA PRO A 193 15.60 0.31 1.98
C PRO A 193 15.82 -1.17 1.73
N MET A 194 16.05 -1.92 2.81
CA MET A 194 16.28 -3.35 2.74
C MET A 194 15.12 -4.10 3.36
N ASP A 195 14.80 -5.25 2.78
CA ASP A 195 13.69 -6.06 3.27
C ASP A 195 14.07 -6.77 4.57
N ASN A 196 13.06 -6.96 5.42
CA ASN A 196 13.20 -7.69 6.67
C ASN A 196 11.97 -8.57 6.88
N ASP A 197 11.67 -9.40 5.88
CA ASP A 197 10.42 -10.16 5.86
C ASP A 197 10.28 -11.00 7.13
N ALA A 198 11.27 -11.86 7.40
CA ALA A 198 11.22 -12.70 8.60
C ALA A 198 11.28 -11.87 9.88
N ASN A 199 11.84 -10.66 9.82
CA ASN A 199 11.84 -9.75 10.96
C ASN A 199 12.42 -10.42 12.21
N LEU A 200 13.49 -11.20 12.02
CA LEU A 200 14.19 -11.77 13.15
C LEU A 200 15.13 -10.76 13.80
N PHE A 201 15.86 -10.00 13.00
CA PHE A 201 16.84 -9.04 13.47
C PHE A 201 16.41 -7.62 13.09
N PRO A 202 16.87 -6.61 13.83
CA PRO A 202 16.52 -5.23 13.47
C PRO A 202 17.20 -4.82 12.17
N ILE A 203 16.52 -3.96 11.41
CA ILE A 203 16.95 -3.65 10.06
C ILE A 203 18.35 -3.03 10.05
N ASP A 204 18.73 -2.31 11.12
CA ASP A 204 20.05 -1.70 11.14
C ASP A 204 21.17 -2.72 11.18
N GLN A 205 20.87 -4.00 11.39
CA GLN A 205 21.87 -5.06 11.34
C GLN A 205 21.93 -5.74 9.98
N LEU A 206 21.00 -5.45 9.07
CA LEU A 206 21.02 -6.04 7.74
C LEU A 206 22.01 -5.30 6.85
N TYR A 207 22.55 -6.02 5.86
CA TYR A 207 23.47 -5.43 4.91
C TYR A 207 22.70 -4.67 3.84
N SER A 208 23.26 -3.53 3.44
CA SER A 208 22.63 -2.65 2.45
C SER A 208 23.22 -2.93 1.07
N VAL A 209 22.44 -3.56 0.21
CA VAL A 209 22.85 -3.88 -1.15
C VAL A 209 21.78 -3.41 -2.13
N GLY A 210 22.12 -3.47 -3.42
CA GLY A 210 21.27 -2.89 -4.45
C GLY A 210 19.92 -3.54 -4.63
N GLU A 211 19.65 -4.64 -3.94
CA GLU A 211 18.39 -5.37 -4.10
C GLU A 211 17.75 -5.57 -2.73
N ARG A 212 16.48 -5.16 -2.61
CA ARG A 212 15.80 -5.14 -1.31
C ARG A 212 15.94 -6.47 -0.58
N ARG A 213 15.65 -7.58 -1.26
CA ARG A 213 15.67 -8.90 -0.65
C ARG A 213 17.02 -9.58 -0.78
N GLY A 214 18.11 -8.81 -0.62
CA GLY A 214 19.43 -9.40 -0.68
C GLY A 214 19.79 -10.17 0.58
N ASN A 215 19.19 -9.81 1.71
CA ASN A 215 19.43 -10.51 2.96
C ASN A 215 18.65 -11.80 3.10
N GLU A 216 17.86 -12.19 2.08
CA GLU A 216 16.98 -13.35 2.20
C GLU A 216 17.72 -14.54 2.79
N ASN A 217 18.91 -14.85 2.27
CA ASN A 217 19.71 -15.92 2.84
C ASN A 217 21.17 -15.57 2.69
N PRO A 218 22.05 -16.17 3.51
CA PRO A 218 23.47 -15.80 3.46
C PRO A 218 24.14 -16.16 2.15
N GLY A 219 23.89 -17.36 1.63
CA GLY A 219 24.45 -17.74 0.34
C GLY A 219 24.17 -16.72 -0.73
N LEU A 220 23.02 -16.05 -0.66
CA LEU A 220 22.74 -14.96 -1.57
C LEU A 220 23.59 -13.75 -1.27
N LEU A 221 23.75 -13.41 0.01
CA LEU A 221 24.61 -12.30 0.39
C LEU A 221 26.06 -12.57 0.03
N SER A 222 26.49 -13.83 0.11
CA SER A 222 27.87 -14.16 -0.26
C SER A 222 28.15 -13.81 -1.72
N ILE A 223 27.21 -14.13 -2.61
CA ILE A 223 27.38 -13.77 -4.01
C ILE A 223 27.46 -12.25 -4.15
N HIS A 224 26.59 -11.52 -3.43
CA HIS A 224 26.68 -10.07 -3.43
C HIS A 224 28.09 -9.63 -3.03
N THR A 225 28.62 -10.23 -1.97
CA THR A 225 29.91 -9.81 -1.44
C THR A 225 31.02 -9.98 -2.48
N LEU A 226 31.10 -11.17 -3.09
CA LEU A 226 32.22 -11.45 -3.99
C LEU A 226 32.22 -10.53 -5.20
N LEU A 227 31.04 -10.24 -5.76
CA LEU A 227 30.98 -9.34 -6.90
C LEU A 227 31.26 -7.91 -6.51
N LEU A 228 31.01 -7.55 -5.25
CA LEU A 228 31.43 -6.25 -4.76
C LEU A 228 32.95 -6.19 -4.62
N ARG A 229 33.55 -7.24 -4.05
CA ARG A 229 35.00 -7.32 -3.98
C ARG A 229 35.62 -7.26 -5.38
N ASP A 230 35.09 -8.06 -6.30
CA ASP A 230 35.59 -8.06 -7.67
C ASP A 230 35.40 -6.69 -8.32
N HIS A 231 34.36 -5.95 -7.92
CA HIS A 231 34.16 -4.60 -8.45
C HIS A 231 35.25 -3.66 -7.96
N ASN A 232 35.45 -3.59 -6.64
CA ASN A 232 36.46 -2.71 -6.09
C ASN A 232 37.86 -3.12 -6.55
N ARG A 233 38.07 -4.40 -6.83
CA ARG A 233 39.35 -4.85 -7.37
C ARG A 233 39.59 -4.24 -8.75
N LEU A 234 38.58 -4.30 -9.62
CA LEU A 234 38.72 -3.72 -10.95
C LEU A 234 38.83 -2.21 -10.90
N ALA A 235 38.15 -1.57 -9.95
CA ALA A 235 38.24 -0.11 -9.85
C ALA A 235 39.65 0.33 -9.52
N ARG A 236 40.34 -0.39 -8.64
CA ARG A 236 41.72 -0.06 -8.30
C ARG A 236 42.64 -0.24 -9.50
N LYS A 237 42.35 -1.22 -10.36
CA LYS A 237 43.13 -1.39 -11.58
C LYS A 237 42.90 -0.24 -12.54
N PHE A 238 41.64 0.08 -12.81
CA PHE A 238 41.33 1.19 -13.72
C PHE A 238 41.85 2.51 -13.18
N ALA A 239 41.86 2.66 -11.85
CA ALA A 239 42.40 3.88 -11.25
C ALA A 239 43.89 3.99 -11.53
N ARG A 240 44.63 2.88 -11.43
CA ARG A 240 46.05 2.90 -11.73
C ARG A 240 46.30 3.04 -13.23
N LEU A 241 45.51 2.34 -14.05
CA LEU A 241 45.71 2.40 -15.49
C LEU A 241 45.35 3.78 -16.05
N HIS A 242 44.31 4.41 -15.51
CA HIS A 242 43.83 5.70 -16.01
C HIS A 242 43.70 6.66 -14.84
N PRO A 243 44.79 7.27 -14.41
CA PRO A 243 44.69 8.28 -13.34
C PRO A 243 43.89 9.50 -13.73
N GLU A 244 43.72 9.75 -15.02
CA GLU A 244 42.92 10.89 -15.47
C GLU A 244 41.43 10.66 -15.28
N TRP A 245 40.99 9.42 -15.11
CA TRP A 245 39.58 9.11 -14.92
C TRP A 245 39.12 9.52 -13.52
N ASP A 246 38.05 10.30 -13.45
CA ASP A 246 37.48 10.67 -12.17
C ASP A 246 36.71 9.50 -11.57
N ASP A 247 36.15 9.71 -10.38
CA ASP A 247 35.46 8.65 -9.67
C ASP A 247 34.31 8.07 -10.49
N GLU A 248 33.57 8.93 -11.19
CA GLU A 248 32.41 8.45 -11.95
C GLU A 248 32.84 7.54 -13.10
N ARG A 249 33.94 7.88 -13.78
CA ARG A 249 34.38 7.08 -14.91
C ARG A 249 34.90 5.72 -14.46
N VAL A 250 35.66 5.68 -13.36
CA VAL A 250 36.17 4.40 -12.86
C VAL A 250 35.00 3.52 -12.44
N PHE A 251 34.00 4.11 -11.78
CA PHE A 251 32.85 3.33 -11.35
C PHE A 251 32.13 2.70 -12.54
N GLN A 252 31.78 3.52 -13.54
CA GLN A 252 31.02 3.02 -14.68
C GLN A 252 31.79 1.92 -15.41
N GLN A 253 33.08 2.13 -15.66
CA GLN A 253 33.89 1.09 -16.29
C GLN A 253 33.91 -0.18 -15.44
N SER A 254 33.91 -0.02 -14.12
CA SER A 254 33.84 -1.18 -13.23
C SER A 254 32.44 -1.80 -13.25
N ARG A 255 31.41 -0.96 -13.18
CA ARG A 255 30.04 -1.45 -13.29
C ARG A 255 29.85 -2.23 -14.58
N SER A 256 30.39 -1.73 -15.68
CA SER A 256 30.23 -2.38 -16.97
C SER A 256 30.85 -3.78 -16.97
N CYS A 257 32.02 -3.92 -16.34
CA CYS A 257 32.66 -5.24 -16.29
C CYS A 257 31.83 -6.23 -15.47
N ILE A 258 31.35 -5.80 -14.31
CA ILE A 258 30.59 -6.69 -13.44
C ILE A 258 29.31 -7.17 -14.14
N ILE A 259 28.61 -6.24 -14.80
CA ILE A 259 27.43 -6.62 -15.57
C ILE A 259 27.79 -7.70 -16.59
N GLU A 260 28.89 -7.49 -17.32
CA GLU A 260 29.35 -8.52 -18.25
C GLU A 260 29.68 -9.82 -17.52
N GLN A 261 30.28 -9.72 -16.34
CA GLN A 261 30.60 -10.93 -15.58
C GLN A 261 29.34 -11.68 -15.18
N ILE A 262 28.32 -10.96 -14.74
CA ILE A 262 27.05 -11.60 -14.39
C ILE A 262 26.45 -12.26 -15.63
N GLN A 263 26.40 -11.52 -16.73
CA GLN A 263 25.78 -12.06 -17.95
C GLN A 263 26.51 -13.30 -18.43
N LYS A 264 27.84 -13.29 -18.44
CA LYS A 264 28.60 -14.39 -19.02
C LYS A 264 28.39 -15.68 -18.22
N ILE A 265 28.42 -15.59 -16.89
CA ILE A 265 28.18 -16.77 -16.05
C ILE A 265 26.79 -17.34 -16.32
N THR A 266 25.81 -16.47 -16.56
CA THR A 266 24.45 -16.92 -16.80
C THR A 266 24.38 -17.74 -18.09
N TYR A 267 24.91 -17.21 -19.18
CA TYR A 267 24.71 -17.80 -20.50
C TYR A 267 25.81 -18.78 -20.92
N ASP A 268 26.94 -18.80 -20.22
CA ASP A 268 27.98 -19.78 -20.50
C ASP A 268 28.01 -20.93 -19.50
N GLU A 269 27.53 -20.69 -18.27
CA GLU A 269 27.56 -21.72 -17.23
C GLU A 269 26.17 -22.10 -16.75
N TYR A 270 25.36 -21.12 -16.32
CA TYR A 270 24.09 -21.43 -15.67
C TYR A 270 23.12 -22.08 -16.64
N LEU A 271 22.83 -21.40 -17.76
CA LEU A 271 21.80 -21.88 -18.67
C LEU A 271 22.21 -23.19 -19.33
N PRO A 272 23.44 -23.34 -19.78
CA PRO A 272 23.86 -24.67 -20.29
C PRO A 272 23.66 -25.78 -19.27
N THR A 273 23.75 -25.48 -17.97
CA THR A 273 23.45 -26.48 -16.95
C THR A 273 21.95 -26.71 -16.85
N THR A 274 21.16 -25.64 -16.87
CA THR A 274 19.71 -25.78 -16.71
C THR A 274 19.07 -26.45 -17.93
N LEU A 275 19.45 -26.01 -19.12
CA LEU A 275 18.82 -26.46 -20.35
C LEU A 275 19.69 -27.44 -21.14
N GLY A 276 20.84 -27.83 -20.62
CA GLY A 276 21.75 -28.72 -21.31
C GLY A 276 22.68 -28.02 -22.30
N SER A 277 22.21 -26.94 -22.92
CA SER A 277 23.03 -26.12 -23.79
C SER A 277 22.32 -24.78 -23.98
N PHE A 278 22.83 -23.97 -24.90
CA PHE A 278 22.16 -22.74 -25.29
C PHE A 278 22.79 -22.20 -26.56
N PRO A 279 22.00 -21.75 -27.54
CA PRO A 279 22.60 -21.26 -28.79
C PRO A 279 23.49 -20.05 -28.56
N SER A 280 24.36 -19.81 -29.54
CA SER A 280 25.28 -18.70 -29.47
C SER A 280 24.60 -17.39 -29.86
N TYR A 281 25.09 -16.30 -29.29
CA TYR A 281 24.54 -14.97 -29.54
C TYR A 281 24.51 -14.69 -31.05
N THR A 282 23.43 -14.06 -31.50
CA THR A 282 23.25 -13.73 -32.92
C THR A 282 23.11 -12.23 -33.17
N GLY A 283 23.44 -11.38 -32.19
CA GLY A 283 23.40 -9.95 -32.39
C GLY A 283 22.17 -9.31 -31.78
N TYR A 284 22.29 -8.01 -31.52
CA TYR A 284 21.19 -7.26 -30.94
C TYR A 284 20.07 -7.05 -31.95
N ASP A 285 18.83 -7.31 -31.53
CA ASP A 285 17.65 -7.12 -32.37
C ASP A 285 16.80 -6.04 -31.71
N ALA A 286 16.70 -4.88 -32.37
CA ALA A 286 15.93 -3.76 -31.84
C ALA A 286 14.43 -4.04 -31.80
N ASN A 287 13.96 -5.10 -32.46
CA ASN A 287 12.54 -5.44 -32.45
C ASN A 287 12.18 -6.44 -31.37
N VAL A 288 13.16 -6.98 -30.64
CA VAL A 288 12.91 -7.95 -29.58
C VAL A 288 12.67 -7.21 -28.28
N ASN A 289 11.65 -7.64 -27.54
CA ASN A 289 11.31 -7.05 -26.25
C ASN A 289 11.91 -7.93 -25.15
N ALA A 290 12.79 -7.35 -24.35
CA ALA A 290 13.44 -8.08 -23.27
C ALA A 290 12.60 -8.17 -22.00
N GLN A 291 11.44 -7.50 -21.97
CA GLN A 291 10.58 -7.51 -20.79
C GLN A 291 10.30 -8.94 -20.35
N VAL A 292 10.25 -9.14 -19.02
CA VAL A 292 10.01 -10.47 -18.48
C VAL A 292 8.57 -10.89 -18.74
N SER A 293 8.37 -12.17 -19.02
CA SER A 293 7.02 -12.70 -19.21
C SER A 293 6.42 -13.10 -17.87
N ASN A 294 5.10 -12.96 -17.78
CA ASN A 294 4.40 -13.28 -16.54
C ASN A 294 4.56 -14.74 -16.18
N GLU A 295 4.60 -15.63 -17.18
CA GLU A 295 4.72 -17.05 -16.90
C GLU A 295 6.14 -17.41 -16.45
N PHE A 296 7.15 -16.68 -16.94
CA PHE A 296 8.53 -16.97 -16.57
C PHE A 296 8.74 -16.79 -15.07
N THR A 297 8.46 -15.59 -14.57
CA THR A 297 8.73 -15.30 -13.17
C THR A 297 7.70 -15.93 -12.24
N THR A 298 6.44 -16.01 -12.67
CA THR A 298 5.40 -16.54 -11.80
C THR A 298 5.41 -18.06 -11.74
N THR A 299 5.70 -18.72 -12.86
CA THR A 299 5.52 -20.17 -12.96
C THR A 299 6.83 -20.90 -13.22
N ALA A 300 7.44 -20.72 -14.39
CA ALA A 300 8.54 -21.59 -14.81
C ALA A 300 9.74 -21.47 -13.87
N PHE A 301 10.25 -20.25 -13.70
CA PHE A 301 11.52 -20.08 -13.00
C PHE A 301 11.40 -20.18 -11.48
N ARG A 302 10.20 -20.42 -10.95
CA ARG A 302 10.07 -20.67 -9.52
C ARG A 302 10.40 -22.11 -9.15
N PHE A 303 10.87 -22.91 -10.10
CA PHE A 303 11.29 -24.28 -9.80
C PHE A 303 12.35 -24.34 -8.71
N GLY A 304 13.10 -23.25 -8.50
CA GLY A 304 14.21 -23.29 -7.57
C GLY A 304 13.79 -23.61 -6.15
N HIS A 305 12.54 -23.29 -5.79
CA HIS A 305 12.08 -23.59 -4.44
C HIS A 305 12.05 -25.10 -4.19
N SER A 306 11.83 -25.90 -5.23
CA SER A 306 11.92 -27.34 -5.11
C SER A 306 13.35 -27.80 -4.85
N GLU A 307 14.33 -27.09 -5.42
CA GLU A 307 15.72 -27.55 -5.39
C GLU A 307 16.50 -27.06 -4.17
N VAL A 308 15.94 -26.15 -3.37
CA VAL A 308 16.62 -25.69 -2.17
C VAL A 308 16.68 -26.84 -1.16
N GLY A 309 17.89 -27.19 -0.74
CA GLY A 309 18.06 -28.16 0.31
C GLY A 309 17.79 -27.57 1.68
N PRO A 310 17.66 -28.44 2.68
CA PRO A 310 17.29 -27.97 4.02
C PRO A 310 18.44 -27.38 4.82
N PHE A 311 19.69 -27.71 4.49
CA PHE A 311 20.82 -27.29 5.32
C PHE A 311 21.83 -26.49 4.49
N MET A 312 22.45 -25.53 5.17
CA MET A 312 23.48 -24.69 4.59
C MET A 312 24.81 -25.10 5.22
N GLU A 313 25.70 -25.66 4.41
CA GLU A 313 26.94 -26.25 4.91
C GLU A 313 28.01 -25.18 5.13
N TYR A 314 28.85 -25.41 6.15
CA TYR A 314 29.99 -24.58 6.47
C TYR A 314 31.24 -25.44 6.52
N TYR A 315 32.31 -24.98 5.86
CA TYR A 315 33.58 -25.68 5.88
C TYR A 315 34.69 -24.69 6.22
N SER A 316 35.71 -25.18 6.92
CA SER A 316 36.83 -24.34 7.32
C SER A 316 37.97 -24.46 6.31
N GLU A 317 39.04 -23.71 6.55
CA GLU A 317 40.16 -23.67 5.60
C GLU A 317 40.74 -25.05 5.36
N ASN A 318 40.89 -25.85 6.42
CA ASN A 318 41.52 -27.16 6.29
C ASN A 318 40.52 -28.25 5.90
N GLY A 319 39.37 -27.88 5.34
CA GLY A 319 38.44 -28.84 4.77
C GLY A 319 37.54 -29.54 5.76
N THR A 320 37.48 -29.09 7.01
CA THR A 320 36.64 -29.72 8.01
C THR A 320 35.20 -29.23 7.90
N ARG A 321 34.27 -30.15 8.12
CA ARG A 321 32.83 -29.84 8.07
C ARG A 321 32.39 -29.27 9.41
N LEU A 322 31.81 -28.08 9.39
CA LEU A 322 31.29 -27.45 10.59
C LEU A 322 29.79 -27.69 10.72
N GLN A 323 29.23 -27.29 11.86
CA GLN A 323 27.82 -27.52 12.13
C GLN A 323 26.96 -26.91 11.03
N PRO A 324 26.20 -27.71 10.28
CA PRO A 324 25.38 -27.14 9.21
C PRO A 324 24.33 -26.18 9.76
N LEU A 325 24.07 -25.12 9.00
CA LEU A 325 23.05 -24.14 9.36
C LEU A 325 21.74 -24.50 8.68
N PRO A 326 20.67 -24.76 9.41
CA PRO A 326 19.39 -25.07 8.75
C PRO A 326 18.79 -23.83 8.10
N ILE A 327 18.17 -24.03 6.94
CA ILE A 327 17.62 -22.91 6.17
C ILE A 327 16.74 -22.05 7.05
N LYS A 328 15.84 -22.67 7.83
CA LYS A 328 14.85 -21.91 8.57
C LYS A 328 15.50 -20.94 9.56
N PHE A 329 16.73 -21.21 9.99
CA PHE A 329 17.44 -20.30 10.88
C PHE A 329 18.23 -19.23 10.13
N SER A 330 18.30 -19.29 8.80
CA SER A 330 19.13 -18.39 8.02
C SER A 330 18.34 -17.28 7.33
N TYR A 331 17.02 -17.24 7.49
CA TYR A 331 16.21 -16.22 6.84
C TYR A 331 16.54 -14.86 7.43
N PHE A 332 17.10 -13.97 6.61
CA PHE A 332 17.43 -12.61 7.02
C PHE A 332 18.25 -12.61 8.31
N ASN A 333 19.35 -13.37 8.28
CA ASN A 333 20.24 -13.52 9.43
C ASN A 333 21.65 -13.07 9.05
N PRO A 334 22.06 -11.85 9.43
CA PRO A 334 23.44 -11.43 9.12
C PRO A 334 24.50 -12.21 9.87
N HIS A 335 24.19 -12.79 11.04
CA HIS A 335 25.20 -13.52 11.80
C HIS A 335 25.84 -14.64 11.00
N ALA A 336 25.18 -15.11 9.94
CA ALA A 336 25.75 -16.17 9.11
C ALA A 336 27.07 -15.76 8.48
N LEU A 337 27.35 -14.46 8.37
CA LEU A 337 28.61 -13.97 7.81
C LEU A 337 29.60 -13.53 8.87
N ASN A 338 29.34 -13.84 10.15
CA ASN A 338 30.26 -13.42 11.21
C ASN A 338 31.64 -14.03 11.01
N ARG A 339 31.73 -15.20 10.38
CA ARG A 339 33.01 -15.85 10.11
C ARG A 339 33.41 -15.72 8.64
N GLY A 340 32.94 -14.68 7.96
CA GLY A 340 33.29 -14.45 6.57
C GLY A 340 32.49 -15.31 5.61
N VAL A 341 32.61 -14.96 4.33
CA VAL A 341 31.87 -15.69 3.29
C VAL A 341 32.54 -17.01 2.92
N GLU A 342 33.85 -17.16 3.17
CA GLU A 342 34.55 -18.35 2.71
C GLU A 342 33.93 -19.64 3.21
N PRO A 343 33.57 -19.77 4.49
CA PRO A 343 32.96 -21.04 4.93
C PRO A 343 31.67 -21.38 4.22
N LEU A 344 30.85 -20.38 3.89
CA LEU A 344 29.65 -20.63 3.10
C LEU A 344 30.00 -21.09 1.70
N ILE A 345 30.87 -20.34 1.01
CA ILE A 345 31.22 -20.68 -0.37
C ILE A 345 31.67 -22.13 -0.46
N ARG A 346 32.50 -22.56 0.49
CA ARG A 346 32.98 -23.95 0.46
C ARG A 346 31.81 -24.93 0.51
N GLY A 347 30.83 -24.66 1.38
CA GLY A 347 29.68 -25.53 1.48
C GLY A 347 28.81 -25.49 0.23
N LEU A 348 28.62 -24.29 -0.34
CA LEU A 348 27.72 -24.15 -1.47
C LEU A 348 28.20 -24.94 -2.69
N ILE A 349 29.52 -24.99 -2.90
CA ILE A 349 30.05 -25.63 -4.10
C ILE A 349 30.25 -27.13 -3.94
N ILE A 350 30.26 -27.65 -2.71
CA ILE A 350 30.51 -29.07 -2.48
C ILE A 350 29.19 -29.80 -2.22
N ASN A 351 28.23 -29.11 -1.62
CA ASN A 351 27.01 -29.75 -1.15
C ASN A 351 26.00 -29.88 -2.29
N GLU A 352 25.44 -31.08 -2.45
CA GLU A 352 24.47 -31.33 -3.51
C GLU A 352 23.10 -30.80 -3.09
N GLU A 353 22.39 -30.21 -4.05
CA GLU A 353 21.10 -29.59 -3.77
C GLU A 353 19.99 -30.63 -3.87
N GLU A 354 18.75 -30.16 -3.77
CA GLU A 354 17.57 -31.01 -3.82
C GLU A 354 17.07 -31.14 -5.26
N ASN A 355 16.25 -32.17 -5.49
CA ASN A 355 15.74 -32.43 -6.84
C ASN A 355 14.60 -31.48 -7.16
N ILE A 356 14.46 -31.20 -8.46
CA ILE A 356 13.38 -30.34 -8.95
C ILE A 356 12.19 -31.25 -9.25
N ASP A 357 11.19 -31.18 -8.39
CA ASP A 357 10.04 -32.08 -8.44
C ASP A 357 8.92 -31.41 -7.66
N ILE A 358 7.84 -32.14 -7.40
CA ILE A 358 6.71 -31.55 -6.71
C ILE A 358 7.02 -31.26 -5.25
N TYR A 359 8.10 -31.80 -4.70
CA TYR A 359 8.36 -31.74 -3.28
C TYR A 359 9.17 -30.51 -2.89
N MET A 360 8.76 -29.88 -1.80
CA MET A 360 9.43 -28.71 -1.24
C MET A 360 9.75 -28.99 0.22
N ILE A 361 10.98 -28.68 0.61
CA ILE A 361 11.38 -28.91 2.00
C ILE A 361 10.47 -28.14 2.94
N SER A 362 10.39 -28.63 4.18
CA SER A 362 9.51 -28.01 5.16
C SER A 362 10.06 -26.71 5.72
N ASP A 363 11.36 -26.46 5.56
CA ASP A 363 11.90 -25.15 5.94
C ASP A 363 11.24 -24.04 5.16
N LEU A 364 10.86 -24.30 3.91
CA LEU A 364 10.16 -23.32 3.08
C LEU A 364 8.65 -23.49 3.14
N ARG A 365 8.17 -24.74 3.19
CA ARG A 365 6.73 -24.99 3.11
C ARG A 365 6.04 -24.85 4.46
N ASN A 366 6.74 -25.09 5.56
CA ASN A 366 6.15 -25.04 6.89
C ASN A 366 7.03 -24.22 7.83
N PHE A 367 7.32 -22.98 7.44
CA PHE A 367 8.07 -22.07 8.29
C PHE A 367 7.12 -21.40 9.28
N LEU A 368 7.48 -21.42 10.56
CA LEU A 368 6.64 -20.89 11.62
C LEU A 368 7.34 -19.72 12.31
N PHE A 369 6.55 -18.73 12.72
CA PHE A 369 7.07 -17.66 13.56
C PHE A 369 7.31 -18.16 14.98
N GLY A 370 6.44 -19.04 15.47
CA GLY A 370 6.58 -19.58 16.80
C GLY A 370 5.85 -20.90 16.98
N LYS A 371 4.71 -20.87 17.68
CA LYS A 371 3.96 -22.08 17.95
C LYS A 371 3.28 -22.56 16.67
N PRO A 372 2.74 -23.79 16.67
CA PRO A 372 2.14 -24.33 15.44
C PRO A 372 0.78 -23.73 15.08
N GLY A 373 0.27 -22.75 15.82
CA GLY A 373 -1.04 -22.21 15.53
C GLY A 373 -1.08 -20.71 15.31
N GLN A 374 0.08 -20.04 15.37
CA GLN A 374 0.14 -18.58 15.34
C GLN A 374 1.22 -18.13 14.37
N GLY A 375 0.81 -17.75 13.17
CA GLY A 375 1.68 -17.12 12.21
C GLY A 375 2.53 -18.13 11.44
N GLY A 376 3.26 -17.60 10.47
CA GLY A 376 4.14 -18.39 9.63
C GLY A 376 3.87 -18.13 8.16
N LEU A 377 4.64 -18.82 7.32
CA LEU A 377 4.51 -18.67 5.88
C LEU A 377 4.77 -20.01 5.19
N ASP A 378 4.15 -20.17 4.03
CA ASP A 378 4.28 -21.37 3.21
C ASP A 378 4.63 -20.92 1.79
N LEU A 379 5.86 -21.18 1.37
CA LEU A 379 6.30 -20.70 0.06
C LEU A 379 5.59 -21.43 -1.07
N ALA A 380 5.30 -22.72 -0.89
CA ALA A 380 4.51 -23.44 -1.87
C ALA A 380 3.14 -22.79 -2.03
N SER A 381 2.48 -22.49 -0.92
CA SER A 381 1.17 -21.83 -0.99
C SER A 381 1.27 -20.45 -1.63
N ARG A 382 2.29 -19.67 -1.25
CA ARG A 382 2.46 -18.35 -1.84
C ARG A 382 2.59 -18.43 -3.36
N ASN A 383 3.29 -19.45 -3.85
CA ASN A 383 3.42 -19.62 -5.30
C ASN A 383 2.08 -19.92 -5.95
N LEU A 384 1.33 -20.87 -5.39
CA LEU A 384 0.01 -21.18 -5.92
C LEU A 384 -0.88 -19.94 -5.92
N GLN A 385 -0.90 -19.20 -4.82
CA GLN A 385 -1.64 -17.95 -4.78
C GLN A 385 -1.21 -17.01 -5.90
N ARG A 386 0.10 -16.82 -6.07
CA ARG A 386 0.60 -15.88 -7.05
C ARG A 386 0.19 -16.28 -8.46
N ASN A 387 0.26 -17.57 -8.78
CA ASN A 387 -0.21 -18.04 -10.08
C ASN A 387 -1.70 -17.76 -10.26
N ARG A 388 -2.49 -18.03 -9.22
CA ARG A 388 -3.92 -17.76 -9.28
C ARG A 388 -4.20 -16.27 -9.20
N ASP A 389 -3.33 -15.51 -8.52
CA ASP A 389 -3.44 -14.05 -8.53
C ASP A 389 -3.21 -13.50 -9.93
N HIS A 390 -2.19 -14.00 -10.62
CA HIS A 390 -1.85 -13.52 -11.95
C HIS A 390 -2.73 -14.11 -13.05
N GLY A 391 -3.53 -15.12 -12.73
CA GLY A 391 -4.38 -15.75 -13.74
C GLY A 391 -3.62 -16.65 -14.69
N ILE A 392 -2.63 -17.38 -14.19
CA ILE A 392 -1.91 -18.31 -15.05
C ILE A 392 -2.87 -19.39 -15.53
N PRO A 393 -2.95 -19.68 -16.82
CA PRO A 393 -3.89 -20.69 -17.30
C PRO A 393 -3.60 -22.05 -16.70
N PRO A 394 -4.55 -22.99 -16.79
CA PRO A 394 -4.28 -24.36 -16.33
C PRO A 394 -3.17 -25.03 -17.13
N TYR A 395 -2.65 -26.11 -16.56
CA TYR A 395 -1.52 -26.82 -17.14
C TYR A 395 -1.74 -27.12 -18.62
N ASN A 396 -2.85 -27.79 -18.94
CA ASN A 396 -3.08 -28.17 -20.34
C ASN A 396 -3.39 -26.96 -21.21
N SER A 397 -3.99 -25.91 -20.66
CA SER A 397 -4.23 -24.70 -21.44
C SER A 397 -2.92 -24.01 -21.78
N LEU A 398 -1.99 -23.95 -20.82
CA LEU A 398 -0.70 -23.33 -21.09
C LEU A 398 0.04 -24.06 -22.20
N ARG A 399 0.09 -25.39 -22.12
CA ARG A 399 0.78 -26.18 -23.14
C ARG A 399 0.23 -25.87 -24.53
N ARG A 400 -1.10 -25.87 -24.67
CA ARG A 400 -1.72 -25.55 -25.95
C ARG A 400 -1.24 -24.19 -26.46
N GLN A 401 -1.25 -23.19 -25.59
CA GLN A 401 -0.88 -21.83 -26.00
C GLN A 401 0.62 -21.68 -26.19
N LEU A 402 1.43 -22.66 -25.77
CA LEU A 402 2.86 -22.67 -26.05
C LEU A 402 3.21 -23.52 -27.26
N GLY A 403 2.21 -24.05 -27.96
CA GLY A 403 2.48 -24.91 -29.10
C GLY A 403 2.79 -26.34 -28.74
N LEU A 404 2.45 -26.78 -27.53
CA LEU A 404 2.69 -28.14 -27.09
C LEU A 404 1.39 -28.93 -27.09
N ARG A 405 1.51 -30.25 -27.15
CA ARG A 405 0.35 -31.11 -27.12
C ARG A 405 -0.16 -31.26 -25.68
N PRO A 406 -1.47 -31.18 -25.47
CA PRO A 406 -1.99 -31.35 -24.11
C PRO A 406 -1.97 -32.82 -23.69
N VAL A 407 -1.87 -33.04 -22.39
CA VAL A 407 -1.87 -34.40 -21.86
C VAL A 407 -3.28 -34.93 -21.86
N GLN A 408 -3.40 -36.26 -21.96
CA GLN A 408 -4.70 -36.92 -21.91
C GLN A 408 -4.96 -37.66 -20.61
N THR A 409 -3.94 -38.22 -19.98
CA THR A 409 -4.11 -38.91 -18.70
C THR A 409 -2.93 -38.56 -17.80
N TRP A 410 -3.03 -39.02 -16.55
CA TRP A 410 -2.01 -38.68 -15.56
C TRP A 410 -0.66 -39.26 -15.94
N SER A 411 -0.65 -40.46 -16.54
CA SER A 411 0.60 -41.10 -16.90
C SER A 411 1.37 -40.29 -17.93
N ASP A 412 0.67 -39.50 -18.76
CA ASP A 412 1.37 -38.68 -19.74
C ASP A 412 2.30 -37.68 -19.07
N ILE A 413 1.97 -37.28 -17.84
CA ILE A 413 2.81 -36.30 -17.13
C ILE A 413 4.02 -36.99 -16.51
N THR A 414 3.85 -38.18 -15.95
CA THR A 414 4.94 -38.86 -15.26
C THR A 414 4.58 -40.33 -15.05
N SER A 415 5.63 -41.15 -14.90
CA SER A 415 5.44 -42.56 -14.61
C SER A 415 5.49 -42.88 -13.12
N ASP A 416 5.91 -41.93 -12.30
CA ASP A 416 6.00 -42.15 -10.85
C ASP A 416 4.59 -42.26 -10.28
N PRO A 417 4.18 -43.43 -9.75
CA PRO A 417 2.80 -43.54 -9.26
C PRO A 417 2.47 -42.58 -8.13
N GLN A 418 3.43 -42.34 -7.22
CA GLN A 418 3.16 -41.44 -6.12
C GLN A 418 2.89 -40.02 -6.62
N ILE A 419 3.56 -39.60 -7.69
CA ILE A 419 3.21 -38.33 -8.31
C ILE A 419 1.81 -38.41 -8.91
N GLN A 420 1.52 -39.50 -9.63
CA GLN A 420 0.19 -39.68 -10.19
C GLN A 420 -0.88 -39.61 -9.11
N ASN A 421 -0.67 -40.32 -8.00
CA ASN A 421 -1.66 -40.35 -6.94
C ASN A 421 -1.89 -38.96 -6.35
N ARG A 422 -0.81 -38.25 -6.04
CA ARG A 422 -0.94 -36.92 -5.45
C ARG A 422 -1.67 -35.97 -6.40
N LEU A 423 -1.48 -36.14 -7.72
CA LEU A 423 -2.23 -35.34 -8.67
C LEU A 423 -3.70 -35.73 -8.69
N LYS A 424 -3.99 -37.03 -8.69
CA LYS A 424 -5.38 -37.49 -8.60
C LYS A 424 -6.05 -36.97 -7.34
N ASN A 425 -5.32 -36.96 -6.23
CA ASN A 425 -5.88 -36.49 -4.97
C ASN A 425 -6.12 -34.99 -4.99
N ALA A 426 -5.23 -34.23 -5.62
CA ALA A 426 -5.34 -32.78 -5.62
C ALA A 426 -6.33 -32.28 -6.66
N TYR A 427 -6.34 -32.88 -7.84
CA TYR A 427 -7.21 -32.46 -8.93
C TYR A 427 -8.04 -33.65 -9.41
N LYS A 428 -9.25 -33.34 -9.89
CA LYS A 428 -10.11 -34.38 -10.45
C LYS A 428 -9.90 -34.58 -11.94
N SER A 429 -9.31 -33.59 -12.63
CA SER A 429 -9.00 -33.71 -14.05
C SER A 429 -7.61 -33.15 -14.31
N VAL A 430 -6.98 -33.64 -15.38
CA VAL A 430 -5.70 -33.10 -15.78
C VAL A 430 -5.85 -31.65 -16.21
N ASP A 431 -6.97 -31.32 -16.85
CA ASP A 431 -7.22 -29.94 -17.27
C ASP A 431 -7.53 -29.01 -16.10
N ASP A 432 -7.53 -29.52 -14.86
CA ASP A 432 -7.65 -28.70 -13.67
C ASP A 432 -6.32 -28.46 -12.98
N ILE A 433 -5.25 -29.09 -13.46
CA ILE A 433 -3.95 -28.96 -12.80
C ILE A 433 -3.43 -27.54 -12.94
N ASP A 434 -2.89 -27.00 -11.85
CA ASP A 434 -2.20 -25.72 -11.91
C ASP A 434 -0.92 -25.86 -12.72
N SER A 435 -0.67 -24.91 -13.63
CA SER A 435 0.53 -24.97 -14.46
C SER A 435 1.78 -25.17 -13.62
N TYR A 436 1.84 -24.53 -12.45
CA TYR A 436 3.03 -24.63 -11.61
C TYR A 436 3.29 -26.06 -11.16
N VAL A 437 2.25 -26.74 -10.67
CA VAL A 437 2.46 -28.10 -10.18
C VAL A 437 2.64 -29.06 -11.35
N GLY A 438 1.98 -28.79 -12.48
CA GLY A 438 2.12 -29.67 -13.62
C GLY A 438 3.52 -29.66 -14.19
N GLY A 439 4.06 -28.46 -14.44
CA GLY A 439 5.42 -28.37 -14.97
C GLY A 439 6.44 -29.01 -14.06
N LEU A 440 6.26 -28.86 -12.75
CA LEU A 440 7.16 -29.50 -11.80
C LEU A 440 7.07 -31.02 -11.88
N ALA A 441 5.87 -31.54 -12.12
CA ALA A 441 5.67 -32.99 -12.13
C ALA A 441 6.24 -33.66 -13.37
N GLU A 442 6.55 -32.91 -14.41
CA GLU A 442 7.04 -33.47 -15.65
C GLU A 442 8.41 -34.12 -15.46
N ASP A 443 8.72 -35.06 -16.34
CA ASP A 443 10.07 -35.61 -16.41
C ASP A 443 11.02 -34.57 -16.98
N HIS A 444 12.25 -34.56 -16.47
CA HIS A 444 13.24 -33.59 -16.93
C HIS A 444 13.64 -33.87 -18.37
N MET A 445 13.76 -32.81 -19.15
CA MET A 445 14.24 -32.94 -20.52
C MET A 445 15.66 -33.50 -20.53
N GLU A 446 15.99 -34.23 -21.60
CA GLU A 446 17.31 -34.83 -21.70
C GLU A 446 18.38 -33.76 -21.60
N GLY A 447 19.31 -33.95 -20.66
CA GLY A 447 20.34 -32.97 -20.42
C GLY A 447 19.89 -31.74 -19.66
N SER A 448 18.65 -31.70 -19.19
CA SER A 448 18.11 -30.56 -18.46
C SER A 448 17.73 -30.98 -17.06
N CYS A 449 17.45 -29.97 -16.23
CA CYS A 449 16.94 -30.18 -14.88
C CYS A 449 15.49 -29.71 -14.74
N VAL A 450 14.80 -29.46 -15.86
CA VAL A 450 13.41 -29.04 -15.85
C VAL A 450 12.64 -29.81 -16.92
N GLY A 451 11.33 -29.83 -16.76
CA GLY A 451 10.48 -30.49 -17.72
C GLY A 451 10.35 -29.71 -19.01
N GLN A 452 9.66 -30.33 -19.97
CA GLN A 452 9.47 -29.71 -21.28
C GLN A 452 8.83 -28.35 -21.16
N THR A 453 7.75 -28.24 -20.36
CA THR A 453 7.01 -26.99 -20.28
C THR A 453 7.89 -25.88 -19.71
N PHE A 454 8.44 -26.09 -18.51
CA PHE A 454 9.31 -25.08 -17.92
C PHE A 454 10.51 -24.80 -18.81
N TYR A 455 11.05 -25.84 -19.46
CA TYR A 455 12.16 -25.66 -20.38
C TYR A 455 11.81 -24.62 -21.45
N LEU A 456 10.62 -24.75 -22.05
CA LEU A 456 10.26 -23.85 -23.14
C LEU A 456 10.10 -22.41 -22.66
N ILE A 457 9.49 -22.22 -21.48
CA ILE A 457 9.29 -20.87 -20.97
C ILE A 457 10.61 -20.22 -20.62
N ILE A 458 11.53 -20.98 -20.01
CA ILE A 458 12.82 -20.41 -19.64
C ILE A 458 13.65 -20.12 -20.88
N TYR A 459 13.70 -21.07 -21.81
CA TYR A 459 14.43 -20.85 -23.06
C TYR A 459 13.94 -19.59 -23.75
N GLU A 460 12.62 -19.39 -23.78
CA GLU A 460 12.04 -18.28 -24.52
C GLU A 460 12.39 -16.94 -23.87
N GLN A 461 12.45 -16.90 -22.54
CA GLN A 461 12.74 -15.66 -21.85
C GLN A 461 14.18 -15.22 -22.09
N PHE A 462 15.13 -16.09 -21.77
CA PHE A 462 16.54 -15.70 -21.82
C PHE A 462 17.03 -15.43 -23.24
N PHE A 463 16.33 -15.96 -24.25
CA PHE A 463 16.63 -15.54 -25.61
C PHE A 463 16.35 -14.06 -25.79
N ARG A 464 15.26 -13.57 -25.20
CA ARG A 464 14.87 -12.18 -25.39
C ARG A 464 15.72 -11.23 -24.55
N THR A 465 15.99 -11.57 -23.29
CA THR A 465 16.78 -10.66 -22.45
C THR A 465 18.23 -10.56 -22.90
N ARG A 466 18.67 -11.41 -23.82
CA ARG A 466 19.95 -11.23 -24.51
C ARG A 466 19.80 -10.52 -25.84
N ALA A 467 18.87 -10.98 -26.69
CA ALA A 467 18.71 -10.40 -28.01
C ALA A 467 18.15 -8.98 -27.94
N GLY A 468 17.27 -8.71 -26.98
CA GLY A 468 16.69 -7.39 -26.83
C GLY A 468 17.52 -6.41 -26.04
N ASP A 469 18.71 -6.80 -25.62
CA ASP A 469 19.58 -5.96 -24.80
C ASP A 469 20.57 -5.24 -25.70
N ARG A 470 20.48 -3.90 -25.74
CA ARG A 470 21.38 -3.11 -26.57
C ARG A 470 22.78 -3.04 -25.99
N PHE A 471 22.92 -3.22 -24.67
CA PHE A 471 24.21 -3.20 -24.00
C PHE A 471 24.75 -4.59 -23.72
N TRP A 472 24.29 -5.61 -24.46
CA TRP A 472 24.77 -6.96 -24.23
C TRP A 472 26.27 -7.04 -24.51
N TYR A 473 27.00 -7.71 -23.62
CA TYR A 473 28.46 -7.65 -23.65
C TYR A 473 29.03 -8.18 -24.96
N GLU A 474 28.35 -9.13 -25.59
CA GLU A 474 28.89 -9.74 -26.81
C GLU A 474 28.71 -8.86 -28.05
N THR A 475 28.15 -7.65 -27.92
CA THR A 475 28.02 -6.81 -29.11
C THR A 475 29.33 -6.07 -29.38
N PRO A 476 29.65 -5.79 -30.65
CA PRO A 476 30.95 -5.16 -30.95
C PRO A 476 31.22 -3.91 -30.13
N GLU A 477 30.26 -2.98 -30.07
CA GLU A 477 30.49 -1.74 -29.33
C GLU A 477 30.79 -2.00 -27.87
N MET A 478 30.30 -3.11 -27.31
CA MET A 478 30.52 -3.40 -25.89
C MET A 478 31.78 -4.19 -25.65
N ARG A 479 32.24 -4.98 -26.62
CA ARG A 479 33.57 -5.56 -26.52
C ARG A 479 34.62 -4.46 -26.47
N MET A 480 34.39 -3.37 -27.20
CA MET A 480 35.29 -2.22 -27.16
C MET A 480 35.31 -1.58 -25.77
N VAL A 481 34.13 -1.33 -25.21
CA VAL A 481 34.04 -0.66 -23.91
C VAL A 481 34.70 -1.51 -22.83
N ASN A 482 34.52 -2.83 -22.91
CA ASN A 482 34.99 -3.75 -21.88
C ASN A 482 36.27 -4.45 -22.27
N ARG A 483 37.17 -3.75 -22.98
CA ARG A 483 38.40 -4.35 -23.45
C ARG A 483 39.41 -4.59 -22.33
N GLU A 484 39.27 -3.89 -21.20
CA GLU A 484 40.19 -4.04 -20.09
C GLU A 484 39.57 -4.78 -18.91
N CYS A 485 38.41 -5.41 -19.09
CA CYS A 485 37.82 -6.21 -18.02
C CYS A 485 38.57 -7.53 -17.88
N GLU A 486 38.18 -8.31 -16.87
CA GLU A 486 38.79 -9.60 -16.56
C GLU A 486 37.71 -10.66 -16.37
N THR A 487 36.78 -10.72 -17.32
CA THR A 487 35.64 -11.62 -17.19
C THR A 487 36.09 -13.07 -17.37
N THR A 488 35.85 -13.89 -16.35
CA THR A 488 36.24 -15.29 -16.38
C THR A 488 35.08 -16.17 -15.91
N THR A 489 35.36 -17.43 -15.60
CA THR A 489 34.34 -18.32 -15.08
C THR A 489 34.04 -18.00 -13.62
N PHE A 490 32.86 -18.44 -13.17
CA PHE A 490 32.44 -18.19 -11.80
C PHE A 490 33.46 -18.73 -10.81
N ALA A 491 34.01 -19.92 -11.07
CA ALA A 491 34.97 -20.51 -10.15
C ALA A 491 36.18 -19.62 -9.95
N GLU A 492 36.65 -18.97 -11.02
CA GLU A 492 37.83 -18.11 -10.91
C GLU A 492 37.50 -16.79 -10.24
N VAL A 493 36.28 -16.27 -10.41
CA VAL A 493 35.88 -15.10 -9.65
C VAL A 493 35.93 -15.38 -8.16
N ILE A 494 35.54 -16.60 -7.76
CA ILE A 494 35.59 -16.98 -6.35
C ILE A 494 37.02 -16.91 -5.83
N LYS A 495 37.95 -17.49 -6.58
CA LYS A 495 39.35 -17.48 -6.16
C LYS A 495 39.89 -16.07 -6.08
N ARG A 496 39.59 -15.24 -7.09
CA ARG A 496 40.06 -13.86 -7.10
C ARG A 496 39.57 -13.08 -5.87
N THR A 497 38.42 -13.44 -5.33
CA THR A 497 37.75 -12.62 -4.33
C THR A 497 37.74 -13.24 -2.94
N THR A 498 38.41 -14.37 -2.74
CA THR A 498 38.39 -15.07 -1.46
C THR A 498 39.80 -15.30 -0.96
N SER A 499 39.89 -15.57 0.34
CA SER A 499 41.16 -15.82 1.01
C SER A 499 41.23 -17.29 1.41
N ASN A 500 42.24 -17.99 0.89
CA ASN A 500 42.48 -19.40 1.22
C ASN A 500 41.20 -20.22 1.11
N ILE A 501 40.51 -20.07 -0.02
CA ILE A 501 39.22 -20.72 -0.20
C ILE A 501 39.37 -22.23 -0.26
N GLY A 502 40.52 -22.72 -0.70
CA GLY A 502 40.72 -24.15 -0.89
C GLY A 502 40.38 -24.57 -2.31
N TYR A 503 40.26 -25.89 -2.49
CA TYR A 503 39.98 -26.41 -3.82
C TYR A 503 38.61 -25.97 -4.31
N VAL A 504 38.56 -25.58 -5.57
CA VAL A 504 37.33 -25.12 -6.22
C VAL A 504 37.26 -25.75 -7.59
N GLN A 505 36.21 -26.54 -7.85
CA GLN A 505 36.06 -27.17 -9.15
C GLN A 505 35.80 -26.11 -10.23
N PRO A 506 36.11 -26.43 -11.49
CA PRO A 506 35.89 -25.43 -12.56
C PRO A 506 34.43 -25.03 -12.72
N ASN A 507 33.51 -26.00 -12.67
CA ASN A 507 32.08 -25.73 -12.76
C ASN A 507 31.47 -25.91 -11.38
N VAL A 508 31.31 -24.81 -10.65
CA VAL A 508 30.79 -24.87 -9.28
C VAL A 508 29.30 -25.13 -9.23
N PHE A 509 28.65 -25.37 -10.39
CA PHE A 509 27.24 -25.72 -10.41
C PHE A 509 27.00 -27.23 -10.45
N ARG A 510 28.04 -28.04 -10.66
CA ARG A 510 27.87 -29.47 -10.83
C ARG A 510 28.68 -30.25 -9.80
N LYS A 511 28.28 -31.50 -9.61
CA LYS A 511 28.91 -32.44 -8.67
C LYS A 511 28.78 -31.94 -7.23
N SER B 1 -3.39 34.22 36.70
CA SER B 1 -2.94 33.49 35.53
C SER B 1 -3.96 33.56 34.40
N GLN B 2 -3.62 33.00 33.25
CA GLN B 2 -4.49 33.02 32.09
C GLN B 2 -5.39 31.80 32.05
N GLU B 3 -6.60 32.00 31.53
CA GLU B 3 -7.53 30.90 31.32
C GLU B 3 -7.33 30.30 29.94
N PHE B 4 -7.34 28.96 29.88
CA PHE B 4 -7.17 28.23 28.63
C PHE B 4 -8.32 27.26 28.44
N ARG B 5 -8.58 26.92 27.19
CA ARG B 5 -9.68 26.04 26.84
C ARG B 5 -9.61 24.74 27.64
N SER B 6 -10.77 24.12 27.83
CA SER B 6 -10.85 22.75 28.30
C SER B 6 -10.74 21.81 27.11
N TYR B 7 -10.26 20.59 27.37
CA TYR B 7 -10.12 19.61 26.31
C TYR B 7 -11.44 18.98 25.90
N THR B 8 -12.51 19.19 26.67
CA THR B 8 -13.82 18.63 26.37
C THR B 8 -14.78 19.64 25.79
N GLY B 9 -14.38 20.90 25.65
CA GLY B 9 -15.25 21.93 25.13
C GLY B 9 -16.22 22.52 26.13
N GLU B 10 -16.31 21.96 27.33
CA GLU B 10 -17.22 22.50 28.33
C GLU B 10 -16.61 23.73 28.98
N GLY B 11 -17.48 24.57 29.55
CA GLY B 11 -17.06 25.83 30.12
C GLY B 11 -16.91 26.94 29.11
N ASN B 12 -17.15 26.68 27.82
CA ASN B 12 -17.02 27.73 26.81
C ASN B 12 -18.10 28.79 27.00
N ASN B 13 -19.31 28.38 27.37
CA ASN B 13 -20.42 29.29 27.60
C ASN B 13 -20.66 29.40 29.10
N LYS B 14 -20.83 30.64 29.58
CA LYS B 14 -21.08 30.86 31.00
C LYS B 14 -22.46 30.38 31.40
N GLN B 15 -23.49 30.81 30.66
CA GLN B 15 -24.86 30.45 31.00
C GLN B 15 -25.05 28.93 31.01
N ASN B 16 -24.38 28.23 30.10
CA ASN B 16 -24.53 26.78 29.97
C ASN B 16 -23.14 26.16 29.78
N PRO B 17 -22.48 25.78 30.89
CA PRO B 17 -21.15 25.17 30.76
C PRO B 17 -21.11 23.96 29.85
N LYS B 18 -22.18 23.16 29.84
CA LYS B 18 -22.22 21.94 29.03
C LYS B 18 -22.44 22.22 27.55
N GLN B 19 -22.79 23.45 27.18
CA GLN B 19 -23.15 23.76 25.81
C GLN B 19 -21.96 23.52 24.88
N GLY B 20 -22.20 22.73 23.84
CA GLY B 20 -21.17 22.44 22.86
C GLY B 20 -20.12 21.43 23.30
N SER B 21 -20.17 20.98 24.56
CA SER B 21 -19.16 20.07 25.07
C SER B 21 -19.36 18.67 24.47
N ILE B 22 -18.36 17.81 24.68
CA ILE B 22 -18.41 16.45 24.17
C ILE B 22 -19.53 15.69 24.86
N PHE B 23 -20.10 14.72 24.14
CA PHE B 23 -21.21 13.91 24.64
C PHE B 23 -22.43 14.77 24.94
N THR B 24 -22.85 15.52 23.92
CA THR B 24 -24.03 16.38 23.99
C THR B 24 -24.94 16.07 22.81
N PRO B 25 -26.26 16.14 23.00
CA PRO B 25 -27.16 15.87 21.87
C PRO B 25 -26.96 16.88 20.75
N PHE B 26 -27.09 16.38 19.51
CA PHE B 26 -27.02 17.25 18.34
C PHE B 26 -28.19 18.23 18.33
N ILE B 27 -28.07 19.26 17.51
CA ILE B 27 -29.13 20.23 17.30
C ILE B 27 -29.85 19.86 16.02
N ARG B 28 -31.08 20.36 15.87
CA ARG B 28 -31.92 20.06 14.72
C ARG B 28 -32.29 21.36 14.02
N LEU B 29 -31.89 21.47 12.75
CA LEU B 29 -32.42 22.55 11.90
C LEU B 29 -33.86 22.28 11.51
N ALA B 30 -34.18 21.04 11.18
CA ALA B 30 -35.53 20.62 10.83
C ALA B 30 -36.00 19.53 11.78
N ASN B 31 -37.31 19.40 11.88
CA ASN B 31 -37.89 18.36 12.72
C ASN B 31 -37.46 16.98 12.19
N PRO B 32 -37.09 16.05 13.07
CA PRO B 32 -36.80 14.69 12.59
C PRO B 32 -38.06 13.96 12.14
N ILE B 33 -37.95 12.65 11.95
CA ILE B 33 -39.10 11.79 11.73
C ILE B 33 -38.92 10.54 12.58
N LYS B 34 -40.04 9.88 12.89
CA LYS B 34 -40.01 8.71 13.77
C LYS B 34 -39.00 7.69 13.26
N PHE B 35 -37.87 7.56 13.96
CA PHE B 35 -36.81 6.63 13.58
C PHE B 35 -36.74 5.43 14.51
N ASN B 36 -37.81 5.17 15.27
CA ASN B 36 -37.92 3.95 16.07
C ASN B 36 -36.63 3.66 16.83
N LYS B 37 -36.36 4.42 17.89
CA LYS B 37 -35.09 4.33 18.59
C LYS B 37 -34.79 2.90 19.02
N ASN B 38 -35.78 2.20 19.60
CA ASN B 38 -35.58 0.87 20.17
C ASN B 38 -35.77 -0.24 19.13
N GLY B 39 -35.42 0.01 17.87
CA GLY B 39 -35.56 -1.00 16.84
C GLY B 39 -34.98 -0.53 15.52
N PHE B 40 -35.62 -0.89 14.41
CA PHE B 40 -35.22 -0.35 13.12
C PHE B 40 -36.17 0.76 12.70
N PRO B 41 -35.69 1.85 12.12
CA PRO B 41 -36.60 2.91 11.69
C PRO B 41 -37.47 2.45 10.53
N ASN B 42 -38.66 3.04 10.43
CA ASN B 42 -39.62 2.66 9.40
C ASN B 42 -39.20 3.27 8.07
N ILE B 43 -38.67 2.45 7.17
CA ILE B 43 -38.20 2.89 5.86
C ILE B 43 -39.20 2.42 4.81
N THR B 44 -39.71 3.37 4.03
CA THR B 44 -40.58 3.03 2.90
C THR B 44 -39.81 2.95 1.59
N ASN B 45 -38.74 3.73 1.45
CA ASN B 45 -37.94 3.71 0.24
C ASN B 45 -37.14 2.42 0.12
N GLN B 46 -36.49 2.23 -1.04
CA GLN B 46 -35.67 1.06 -1.26
C GLN B 46 -34.52 1.03 -0.24
N PRO B 47 -33.99 -0.16 0.05
CA PRO B 47 -32.88 -0.24 1.01
C PRO B 47 -31.68 0.59 0.57
N SER B 48 -30.85 0.94 1.55
CA SER B 48 -29.75 1.86 1.31
C SER B 48 -28.81 1.36 0.21
N ARG B 49 -28.45 0.08 0.25
CA ARG B 49 -27.55 -0.47 -0.76
C ARG B 49 -28.17 -0.38 -2.15
N ALA B 50 -29.48 -0.51 -2.26
CA ALA B 50 -30.14 -0.34 -3.55
C ALA B 50 -29.97 1.08 -4.06
N ILE B 51 -30.15 2.08 -3.19
CA ILE B 51 -29.96 3.47 -3.60
C ILE B 51 -28.52 3.69 -4.05
N SER B 52 -27.57 3.06 -3.35
CA SER B 52 -26.16 3.22 -3.70
C SER B 52 -25.89 2.74 -5.13
N ASN B 53 -26.36 1.54 -5.46
CA ASN B 53 -26.13 0.99 -6.79
C ASN B 53 -26.82 1.81 -7.87
N ILE B 54 -28.03 2.28 -7.59
CA ILE B 54 -28.81 2.99 -8.61
C ILE B 54 -28.22 4.36 -8.88
N ILE B 55 -27.74 5.04 -7.83
CA ILE B 55 -27.37 6.44 -7.91
C ILE B 55 -25.85 6.63 -7.84
N PHE B 56 -25.22 6.18 -6.75
CA PHE B 56 -23.85 6.56 -6.47
C PHE B 56 -22.80 5.83 -7.31
N ASP B 57 -23.20 4.84 -8.11
CA ASP B 57 -22.21 4.11 -8.90
C ASP B 57 -21.48 5.04 -9.86
N GLN B 58 -20.16 4.93 -9.88
CA GLN B 58 -19.32 5.70 -10.79
C GLN B 58 -18.41 4.75 -11.55
N GLN B 59 -18.29 4.97 -12.86
CA GLN B 59 -17.46 4.12 -13.71
C GLN B 59 -16.41 4.90 -14.48
N THR B 60 -16.49 6.23 -14.54
CA THR B 60 -15.51 7.03 -15.27
C THR B 60 -15.16 8.26 -14.45
N HIS B 61 -13.97 8.81 -14.73
CA HIS B 61 -13.52 10.02 -14.05
C HIS B 61 -14.35 11.22 -14.50
N ILE B 62 -14.77 12.04 -13.53
CA ILE B 62 -15.44 13.31 -13.84
C ILE B 62 -14.44 14.45 -13.69
N GLY B 63 -13.98 14.67 -12.46
CA GLY B 63 -13.05 15.76 -12.20
C GLY B 63 -13.76 17.02 -11.78
N SER B 64 -13.28 17.64 -10.70
CA SER B 64 -13.93 18.79 -10.10
C SER B 64 -14.18 19.89 -11.14
N LYS B 65 -15.44 20.33 -11.22
CA LYS B 65 -15.78 21.44 -12.09
C LYS B 65 -15.07 22.72 -11.65
N GLU B 66 -14.98 22.93 -10.33
CA GLU B 66 -14.33 24.11 -9.78
C GLU B 66 -12.82 23.99 -9.72
N HIS B 67 -12.25 22.87 -10.18
CA HIS B 67 -10.80 22.67 -10.22
C HIS B 67 -10.20 22.76 -8.81
N LEU B 68 -10.77 22.00 -7.90
CA LEU B 68 -10.26 21.89 -6.54
C LEU B 68 -9.26 20.74 -6.45
N THR B 69 -8.39 20.82 -5.45
CA THR B 69 -7.33 19.84 -5.25
C THR B 69 -7.73 18.83 -4.18
N ASP B 70 -7.08 17.67 -4.23
CA ASP B 70 -7.29 16.66 -3.19
C ASP B 70 -7.06 17.25 -1.80
N MET B 71 -6.14 18.21 -1.68
CA MET B 71 -5.88 18.84 -0.39
C MET B 71 -7.14 19.52 0.15
N PHE B 72 -8.01 20.00 -0.73
CA PHE B 72 -9.23 20.66 -0.28
C PHE B 72 -10.11 19.71 0.54
N ASN B 73 -10.38 18.52 0.01
CA ASN B 73 -11.22 17.58 0.74
C ASN B 73 -10.48 16.99 1.93
N MET B 74 -9.14 16.94 1.87
CA MET B 74 -8.37 16.46 3.02
C MET B 74 -8.53 17.38 4.21
N TRP B 75 -8.64 18.69 3.97
CA TRP B 75 -8.89 19.60 5.07
C TRP B 75 -10.33 19.51 5.55
N GLY B 76 -11.27 19.25 4.63
CA GLY B 76 -12.65 19.06 5.04
C GLY B 76 -12.81 17.87 5.98
N GLN B 77 -12.21 16.73 5.61
CA GLN B 77 -12.23 15.57 6.48
C GLN B 77 -11.53 15.87 7.81
N PHE B 78 -10.47 16.68 7.75
CA PHE B 78 -9.77 17.10 8.97
C PHE B 78 -10.64 18.03 9.79
N LEU B 79 -11.43 18.89 9.14
CA LEU B 79 -12.22 19.87 9.85
C LEU B 79 -13.35 19.22 10.64
N ILE B 80 -14.04 18.24 10.06
CA ILE B 80 -15.14 17.60 10.76
C ILE B 80 -14.64 16.83 11.97
N HIS B 81 -13.42 16.28 11.88
CA HIS B 81 -12.84 15.56 13.02
C HIS B 81 -12.51 16.47 14.19
N ASN B 82 -12.66 17.78 14.04
CA ASN B 82 -12.56 18.72 15.15
C ASN B 82 -13.92 19.05 15.75
N MET B 83 -15.01 18.44 15.26
CA MET B 83 -16.34 18.92 15.57
C MET B 83 -17.30 17.79 15.94
N ALA B 84 -17.53 16.85 15.03
CA ALA B 84 -18.63 15.90 15.15
C ALA B 84 -18.12 14.46 15.13
N LEU B 85 -18.77 13.62 15.93
CA LEU B 85 -18.52 12.16 15.90
C LEU B 85 -19.82 11.45 16.26
N SER B 86 -20.37 10.71 15.30
CA SER B 86 -21.60 9.93 15.53
C SER B 86 -21.23 8.50 15.91
N LYS B 87 -20.69 8.38 17.11
CA LYS B 87 -20.21 7.08 17.60
C LYS B 87 -21.40 6.15 17.86
N PRO B 88 -21.45 4.96 17.26
CA PRO B 88 -22.58 4.06 17.48
C PRO B 88 -22.43 3.20 18.73
N GLU B 89 -23.58 2.73 19.21
CA GLU B 89 -23.66 1.75 20.27
C GLU B 89 -23.92 0.38 19.69
N PRO B 90 -23.74 -0.68 20.49
CA PRO B 90 -23.97 -2.03 19.97
C PRO B 90 -25.44 -2.34 19.71
N ASN B 91 -26.11 -1.53 18.90
CA ASN B 91 -27.50 -1.74 18.51
C ASN B 91 -27.49 -1.90 16.99
N SER B 92 -27.43 -3.14 16.52
CA SER B 92 -27.17 -3.43 15.12
C SER B 92 -28.41 -3.23 14.27
N TRP B 93 -28.24 -2.57 13.13
CA TRP B 93 -29.27 -2.47 12.09
C TRP B 93 -28.59 -2.80 10.76
N PRO B 94 -28.41 -4.08 10.45
CA PRO B 94 -27.61 -4.45 9.28
C PRO B 94 -28.12 -3.81 8.01
N ILE B 95 -27.19 -3.58 7.07
CA ILE B 95 -27.52 -3.06 5.75
C ILE B 95 -27.78 -4.25 4.84
N LYS B 96 -29.02 -4.37 4.35
CA LYS B 96 -29.43 -5.52 3.58
C LYS B 96 -28.90 -5.42 2.15
N VAL B 97 -28.12 -6.40 1.73
CA VAL B 97 -27.56 -6.45 0.39
C VAL B 97 -28.60 -7.01 -0.58
N PRO B 98 -28.95 -6.31 -1.66
CA PRO B 98 -29.88 -6.91 -2.63
C PRO B 98 -29.36 -8.23 -3.16
N LYS B 99 -30.27 -9.18 -3.32
CA LYS B 99 -29.92 -10.45 -3.93
C LYS B 99 -29.29 -10.22 -5.30
N CYS B 100 -28.30 -11.03 -5.64
CA CYS B 100 -27.57 -10.94 -6.90
C CYS B 100 -26.77 -9.65 -7.03
N ASP B 101 -26.40 -9.02 -5.90
CA ASP B 101 -25.64 -7.77 -5.97
C ASP B 101 -24.32 -8.01 -6.69
N GLN B 102 -23.96 -7.05 -7.56
CA GLN B 102 -22.80 -7.23 -8.42
C GLN B 102 -21.53 -7.47 -7.63
N TYR B 103 -21.38 -6.81 -6.48
CA TYR B 103 -20.16 -6.87 -5.70
C TYR B 103 -20.28 -7.73 -4.45
N PHE B 104 -21.38 -7.63 -3.71
CA PHE B 104 -21.49 -8.26 -2.40
C PHE B 104 -22.23 -9.60 -2.40
N ASP B 105 -23.03 -9.89 -3.43
CA ASP B 105 -23.77 -11.16 -3.52
C ASP B 105 -23.85 -11.59 -4.97
N PRO B 106 -22.71 -11.78 -5.64
CA PRO B 106 -22.75 -12.14 -7.06
C PRO B 106 -23.39 -13.48 -7.32
N ALA B 107 -23.26 -14.44 -6.40
CA ALA B 107 -23.82 -15.76 -6.58
C ALA B 107 -25.31 -15.83 -6.24
N CYS B 108 -25.92 -14.70 -5.90
CA CYS B 108 -27.38 -14.61 -5.74
C CYS B 108 -27.88 -15.42 -4.54
N ILE B 109 -27.12 -15.44 -3.46
CA ILE B 109 -27.55 -16.16 -2.26
C ILE B 109 -28.83 -15.54 -1.71
N GLY B 110 -28.83 -14.23 -1.52
CA GLY B 110 -30.03 -13.52 -1.09
C GLY B 110 -29.92 -12.95 0.31
N ASN B 111 -29.72 -13.82 1.31
CA ASN B 111 -29.67 -13.39 2.70
C ASN B 111 -28.24 -13.00 3.04
N LYS B 112 -27.87 -11.78 2.68
CA LYS B 112 -26.54 -11.25 2.95
C LYS B 112 -26.65 -9.79 3.38
N THR B 113 -25.80 -9.39 4.33
CA THR B 113 -25.80 -8.04 4.87
C THR B 113 -24.36 -7.58 5.11
N MET B 114 -24.21 -6.28 5.38
CA MET B 114 -22.95 -5.73 5.84
C MET B 114 -23.19 -4.98 7.14
N ASN B 115 -22.15 -4.94 7.97
CA ASN B 115 -22.30 -4.46 9.34
C ASN B 115 -22.68 -2.99 9.39
N TYR B 116 -23.62 -2.67 10.26
CA TYR B 116 -23.99 -1.30 10.57
C TYR B 116 -24.54 -1.26 11.99
N PHE B 117 -24.24 -0.18 12.70
CA PHE B 117 -24.68 0.00 14.08
C PHE B 117 -25.26 1.40 14.25
N ARG B 118 -26.39 1.46 14.94
CA ARG B 118 -27.10 2.73 15.10
C ARG B 118 -26.34 3.66 16.04
N THR B 119 -26.49 4.96 15.79
CA THR B 119 -25.77 5.97 16.55
C THR B 119 -26.27 6.04 17.99
N ARG B 120 -25.36 6.34 18.89
CA ARG B 120 -25.71 6.52 20.30
C ARG B 120 -26.77 7.61 20.44
N ALA B 121 -27.83 7.29 21.18
CA ALA B 121 -28.95 8.21 21.36
C ALA B 121 -29.43 8.19 22.80
N THR B 122 -29.80 9.36 23.31
CA THR B 122 -30.30 9.51 24.67
C THR B 122 -31.72 10.06 24.62
N GLU B 123 -32.36 10.08 25.79
CA GLU B 123 -33.69 10.65 25.92
C GLU B 123 -33.58 12.15 26.14
N VAL B 124 -34.35 12.92 25.38
CA VAL B 124 -34.39 14.38 25.50
C VAL B 124 -35.83 14.80 25.71
N PRO B 125 -36.05 15.96 26.34
CA PRO B 125 -37.41 16.48 26.45
C PRO B 125 -38.00 16.75 25.07
N CYS B 126 -39.32 16.59 24.97
CA CYS B 126 -39.99 16.77 23.70
C CYS B 126 -40.20 18.24 23.34
N ASP B 127 -40.17 19.13 24.33
CA ASP B 127 -40.42 20.55 24.08
C ASP B 127 -39.14 21.36 24.15
N VAL B 128 -38.18 21.05 23.27
CA VAL B 128 -36.95 21.82 23.15
C VAL B 128 -36.56 21.84 21.68
N GLY B 129 -36.44 23.04 21.10
CA GLY B 129 -36.09 23.15 19.70
C GLY B 129 -37.00 22.36 18.79
N LYS B 130 -36.43 21.40 18.06
CA LYS B 130 -37.18 20.58 17.11
C LYS B 130 -36.95 19.11 17.42
N THR B 131 -38.04 18.35 17.49
CA THR B 131 -37.96 16.92 17.77
C THR B 131 -39.27 16.26 17.35
N VAL B 132 -39.29 14.93 17.45
CA VAL B 132 -40.49 14.14 17.17
C VAL B 132 -40.70 13.13 18.28
N VAL B 133 -41.95 12.77 18.51
CA VAL B 133 -42.29 11.72 19.46
C VAL B 133 -41.98 10.38 18.82
N ASP B 134 -41.06 9.62 19.41
CA ASP B 134 -40.68 8.34 18.86
C ASP B 134 -41.87 7.39 18.88
N GLU B 135 -41.69 6.23 18.24
CA GLU B 135 -42.76 5.23 18.18
C GLU B 135 -43.06 4.61 19.54
N ASP B 136 -42.29 4.93 20.57
CA ASP B 136 -42.55 4.44 21.92
C ASP B 136 -43.05 5.52 22.87
N GLY B 137 -43.29 6.74 22.36
CA GLY B 137 -43.84 7.80 23.16
C GLY B 137 -42.83 8.72 23.81
N LYS B 138 -41.54 8.42 23.70
CA LYS B 138 -40.48 9.27 24.23
C LYS B 138 -39.70 9.89 23.07
N CYS B 139 -39.21 11.11 23.30
CA CYS B 139 -38.40 11.81 22.31
C CYS B 139 -36.93 11.51 22.54
N TYR B 140 -36.19 11.35 21.44
CA TYR B 140 -34.78 11.00 21.50
C TYR B 140 -33.98 11.90 20.59
N GLU B 141 -32.66 11.78 20.69
CA GLU B 141 -31.74 12.56 19.87
C GLU B 141 -30.37 11.90 19.94
N GLN B 142 -29.66 11.90 18.81
CA GLN B 142 -28.33 11.30 18.74
C GLN B 142 -27.33 12.13 19.54
N ILE B 143 -26.24 11.47 19.95
CA ILE B 143 -25.20 12.09 20.76
C ILE B 143 -24.02 12.44 19.88
N ASN B 144 -23.48 13.64 20.05
CA ASN B 144 -22.21 14.03 19.45
C ASN B 144 -21.10 13.61 20.39
N SER B 145 -20.25 12.68 19.93
CA SER B 145 -19.17 12.14 20.74
C SER B 145 -17.86 12.91 20.56
N LEU B 146 -17.93 14.19 20.20
CA LEU B 146 -16.79 15.07 20.20
C LEU B 146 -17.24 16.46 20.63
N GLY B 147 -16.28 17.29 21.00
CA GLY B 147 -16.57 18.68 21.28
C GLY B 147 -16.94 19.40 20.00
N SER B 148 -18.02 20.17 20.05
CA SER B 148 -18.49 20.88 18.86
C SER B 148 -17.63 22.09 18.52
N TYR B 149 -16.81 22.55 19.47
CA TYR B 149 -15.94 23.70 19.22
C TYR B 149 -14.68 23.26 18.50
N ILE B 150 -14.21 24.10 17.58
CA ILE B 150 -12.93 23.89 16.93
C ILE B 150 -11.84 24.16 17.96
N ASP B 151 -11.51 23.15 18.77
CA ASP B 151 -10.59 23.31 19.88
C ASP B 151 -9.30 22.51 19.70
N GLY B 152 -9.07 21.95 18.51
CA GLY B 152 -7.86 21.19 18.27
C GLY B 152 -7.82 19.85 18.96
N ASN B 153 -8.97 19.24 19.22
CA ASN B 153 -8.98 17.90 19.80
C ASN B 153 -8.28 16.89 18.91
N VAL B 154 -8.12 17.19 17.62
CA VAL B 154 -7.46 16.27 16.70
C VAL B 154 -6.01 16.03 17.10
N LEU B 155 -5.39 16.98 17.80
CA LEU B 155 -4.00 16.85 18.22
C LEU B 155 -3.85 16.51 19.69
N TYR B 156 -4.59 17.20 20.56
CA TYR B 156 -4.38 17.13 21.99
C TYR B 156 -5.39 16.24 22.71
N GLY B 157 -6.33 15.65 21.98
CA GLY B 157 -7.25 14.69 22.56
C GLY B 157 -8.48 15.33 23.18
N ASN B 158 -9.28 14.47 23.80
CA ASN B 158 -10.56 14.87 24.36
C ASN B 158 -10.52 14.99 25.88
N SER B 159 -9.33 14.93 26.50
CA SER B 159 -9.21 15.10 27.94
C SER B 159 -7.76 15.40 28.27
N GLU B 160 -7.56 15.93 29.49
CA GLU B 160 -6.21 16.24 29.93
C GLU B 160 -5.35 14.98 30.02
N GLU B 161 -5.96 13.84 30.35
CA GLU B 161 -5.21 12.59 30.43
C GLU B 161 -4.71 12.17 29.05
N ILE B 162 -5.61 12.13 28.06
CA ILE B 162 -5.18 11.81 26.70
C ILE B 162 -4.12 12.80 26.24
N CYS B 163 -4.31 14.08 26.59
CA CYS B 163 -3.37 15.11 26.17
C CYS B 163 -1.97 14.83 26.70
N LYS B 164 -1.84 14.64 28.02
CA LYS B 164 -0.52 14.44 28.61
C LYS B 164 0.13 13.14 28.12
N ASN B 165 -0.67 12.14 27.76
CA ASN B 165 -0.11 10.94 27.15
C ASN B 165 0.50 11.24 25.79
N LEU B 166 -0.03 12.24 25.08
CA LEU B 166 0.49 12.63 23.78
C LEU B 166 1.59 13.69 23.88
N ARG B 167 1.73 14.33 25.03
CA ARG B 167 2.76 15.36 25.23
C ARG B 167 4.05 14.74 25.73
N SER B 168 5.17 15.25 25.24
CA SER B 168 6.47 14.84 25.77
C SER B 168 6.69 15.38 27.18
N LEU B 169 5.90 16.35 27.62
CA LEU B 169 6.01 16.95 28.94
C LEU B 169 7.34 17.67 29.14
N SER B 170 8.01 18.04 28.04
CA SER B 170 9.26 18.80 28.08
C SER B 170 9.17 19.90 27.05
N GLY B 171 9.26 21.15 27.50
CA GLY B 171 9.16 22.28 26.60
C GLY B 171 7.82 22.37 25.89
N GLY B 172 6.77 21.82 26.49
CA GLY B 172 5.45 21.86 25.89
C GLY B 172 5.37 21.25 24.51
N GLU B 173 6.15 20.23 24.24
CA GLU B 173 6.16 19.57 22.95
C GLU B 173 5.31 18.32 22.95
N MET B 174 4.90 17.91 21.75
CA MET B 174 4.18 16.66 21.56
C MET B 174 5.15 15.54 21.21
N LYS B 175 4.83 14.33 21.65
CA LYS B 175 5.63 13.18 21.30
C LYS B 175 5.63 12.98 19.78
N MET B 176 6.77 12.57 19.24
CA MET B 176 6.93 12.36 17.81
C MET B 176 7.77 11.11 17.59
N THR B 177 7.95 10.75 16.32
CA THR B 177 8.78 9.63 15.91
C THR B 177 9.82 10.17 14.92
N VAL B 178 11.03 10.46 15.42
CA VAL B 178 12.09 10.97 14.57
C VAL B 178 12.56 9.84 13.65
N THR B 179 12.49 10.06 12.34
CA THR B 179 12.84 9.06 11.36
C THR B 179 13.71 9.69 10.29
N ASP B 180 14.23 8.84 9.40
CA ASP B 180 15.06 9.32 8.30
C ASP B 180 14.27 10.17 7.31
N VAL B 181 12.94 10.18 7.38
CA VAL B 181 12.11 10.99 6.49
C VAL B 181 11.53 12.20 7.20
N GLY B 182 11.78 12.36 8.50
CA GLY B 182 11.26 13.48 9.26
C GLY B 182 10.53 13.02 10.50
N ASP B 183 10.05 14.00 11.26
CA ASP B 183 9.31 13.72 12.49
C ASP B 183 7.87 13.34 12.15
N LEU B 184 7.50 12.11 12.46
CA LEU B 184 6.14 11.61 12.28
C LEU B 184 5.47 11.43 13.64
N PRO B 185 4.15 11.33 13.66
CA PRO B 185 3.44 11.21 14.95
C PRO B 185 3.94 10.01 15.73
N PRO B 186 3.62 9.94 17.02
CA PRO B 186 4.04 8.81 17.84
C PRO B 186 3.21 7.56 17.58
N LYS B 187 3.79 6.41 17.90
CA LYS B 187 3.14 5.13 17.73
C LYS B 187 3.09 4.40 19.08
N ASN B 188 2.05 3.59 19.26
CA ASN B 188 1.86 2.82 20.49
C ASN B 188 1.95 3.71 21.73
N VAL B 189 1.09 4.72 21.77
CA VAL B 189 1.00 5.62 22.90
C VAL B 189 -0.04 5.05 23.87
N PRO B 190 0.36 4.60 25.06
CA PRO B 190 -0.63 4.04 25.99
C PRO B 190 -1.72 5.05 26.30
N GLY B 191 -2.93 4.54 26.54
CA GLY B 191 -4.06 5.41 26.84
C GLY B 191 -4.44 6.31 25.69
N VAL B 192 -4.34 5.82 24.46
CA VAL B 192 -4.71 6.58 23.27
C VAL B 192 -5.38 5.63 22.28
N PRO B 193 -6.68 5.35 22.42
CA PRO B 193 -7.31 4.38 21.51
C PRO B 193 -7.41 4.93 20.09
N MET B 194 -6.94 4.14 19.13
CA MET B 194 -6.98 4.50 17.72
C MET B 194 -7.79 3.46 16.95
N ASP B 195 -8.52 3.93 15.94
CA ASP B 195 -9.33 3.06 15.11
C ASP B 195 -8.45 2.28 14.13
N ASN B 196 -8.94 1.12 13.71
CA ASN B 196 -8.28 0.29 12.70
C ASN B 196 -9.34 -0.56 12.02
N ASP B 197 -10.36 0.10 11.46
CA ASP B 197 -11.49 -0.63 10.88
C ASP B 197 -11.04 -1.65 9.85
N ALA B 198 -10.04 -1.28 9.03
CA ALA B 198 -9.54 -2.19 8.01
C ALA B 198 -8.82 -3.39 8.59
N ASN B 199 -8.29 -3.28 9.82
CA ASN B 199 -7.60 -4.38 10.48
C ASN B 199 -6.58 -5.03 9.55
N LEU B 200 -5.96 -4.23 8.68
CA LEU B 200 -4.98 -4.74 7.74
C LEU B 200 -3.58 -4.81 8.33
N PHE B 201 -3.25 -3.89 9.23
CA PHE B 201 -1.99 -3.88 9.95
C PHE B 201 -2.26 -3.89 11.44
N PRO B 202 -1.31 -4.38 12.25
CA PRO B 202 -1.53 -4.36 13.70
C PRO B 202 -1.60 -2.93 14.22
N ILE B 203 -2.26 -2.78 15.37
CA ILE B 203 -2.36 -1.46 15.99
C ILE B 203 -0.99 -0.90 16.32
N ASP B 204 0.01 -1.76 16.48
CA ASP B 204 1.36 -1.31 16.76
C ASP B 204 1.85 -0.35 15.68
N GLN B 205 1.69 -0.72 14.42
CA GLN B 205 2.23 0.05 13.32
C GLN B 205 1.41 1.30 13.00
N LEU B 206 0.27 1.49 13.65
CA LEU B 206 -0.52 2.70 13.44
C LEU B 206 0.01 3.84 14.29
N TYR B 207 -0.34 5.06 13.89
CA TYR B 207 0.08 6.26 14.59
C TYR B 207 -0.97 6.70 15.60
N SER B 208 -0.52 7.44 16.61
CA SER B 208 -1.37 7.92 17.70
C SER B 208 -1.49 9.43 17.59
N VAL B 209 -2.73 9.91 17.45
CA VAL B 209 -2.99 11.35 17.43
C VAL B 209 -4.20 11.64 18.32
N GLY B 210 -4.73 12.85 18.23
CA GLY B 210 -5.81 13.26 19.12
C GLY B 210 -7.17 12.69 18.77
N GLU B 211 -7.40 12.38 17.49
CA GLU B 211 -8.67 11.86 17.03
C GLU B 211 -8.51 10.41 16.61
N ARG B 212 -9.41 9.55 17.08
CA ARG B 212 -9.26 8.11 16.88
C ARG B 212 -9.28 7.74 15.40
N ARG B 213 -9.89 8.56 14.55
CA ARG B 213 -9.95 8.29 13.11
C ARG B 213 -8.75 8.85 12.36
N GLY B 214 -7.67 9.20 13.06
CA GLY B 214 -6.53 9.82 12.40
C GLY B 214 -5.92 8.99 11.29
N ASN B 215 -5.95 7.67 11.45
CA ASN B 215 -5.31 6.75 10.49
C ASN B 215 -6.22 6.39 9.33
N GLU B 216 -7.36 7.06 9.17
CA GLU B 216 -8.31 6.68 8.14
C GLU B 216 -7.67 6.69 6.75
N ASN B 217 -6.86 7.71 6.45
CA ASN B 217 -6.14 7.75 5.19
C ASN B 217 -4.86 8.56 5.36
N PRO B 218 -3.82 8.26 4.58
CA PRO B 218 -2.54 8.95 4.80
C PRO B 218 -2.59 10.44 4.60
N GLY B 219 -3.43 10.94 3.67
CA GLY B 219 -3.56 12.38 3.51
C GLY B 219 -4.03 13.06 4.78
N LEU B 220 -4.98 12.44 5.48
CA LEU B 220 -5.44 12.98 6.76
C LEU B 220 -4.32 12.97 7.79
N LEU B 221 -3.59 11.84 7.87
CA LEU B 221 -2.47 11.76 8.81
C LEU B 221 -1.45 12.86 8.55
N SER B 222 -1.25 13.23 7.29
CA SER B 222 -0.26 14.25 6.96
C SER B 222 -0.58 15.57 7.65
N ILE B 223 -1.85 15.99 7.60
CA ILE B 223 -2.22 17.24 8.26
C ILE B 223 -1.97 17.13 9.76
N HIS B 224 -2.26 15.98 10.35
CA HIS B 224 -1.88 15.77 11.75
C HIS B 224 -0.38 15.96 11.94
N THR B 225 0.42 15.45 11.03
CA THR B 225 1.88 15.55 11.15
C THR B 225 2.33 17.00 11.09
N LEU B 226 1.94 17.72 10.04
CA LEU B 226 2.36 19.11 9.89
C LEU B 226 1.95 19.95 11.08
N LEU B 227 0.71 19.77 11.54
CA LEU B 227 0.23 20.54 12.69
C LEU B 227 1.00 20.21 13.96
N LEU B 228 1.42 18.95 14.13
CA LEU B 228 2.30 18.61 15.24
C LEU B 228 3.69 19.20 15.04
N ARG B 229 4.20 19.16 13.80
CA ARG B 229 5.47 19.80 13.50
C ARG B 229 5.42 21.29 13.79
N ASP B 230 4.29 21.93 13.49
CA ASP B 230 4.15 23.36 13.75
C ASP B 230 3.99 23.63 15.25
N HIS B 231 3.38 22.71 16.00
CA HIS B 231 3.23 22.89 17.43
C HIS B 231 4.59 22.92 18.12
N ASN B 232 5.39 21.87 17.91
CA ASN B 232 6.71 21.81 18.54
C ASN B 232 7.59 22.98 18.09
N ARG B 233 7.43 23.41 16.83
CA ARG B 233 8.18 24.57 16.36
C ARG B 233 7.85 25.81 17.18
N LEU B 234 6.55 26.05 17.42
CA LEU B 234 6.15 27.18 18.25
C LEU B 234 6.54 26.96 19.70
N ALA B 235 6.41 25.72 20.19
CA ALA B 235 6.82 25.43 21.55
C ALA B 235 8.30 25.71 21.77
N ARG B 236 9.12 25.47 20.74
CA ARG B 236 10.54 25.78 20.84
C ARG B 236 10.78 27.29 20.79
N LYS B 237 9.95 28.02 20.05
CA LYS B 237 10.07 29.47 20.03
C LYS B 237 9.78 30.06 21.40
N PHE B 238 8.64 29.71 21.98
CA PHE B 238 8.28 30.23 23.30
C PHE B 238 9.32 29.85 24.35
N ALA B 239 9.97 28.69 24.19
CA ALA B 239 11.03 28.30 25.11
C ALA B 239 12.13 29.36 25.14
N ARG B 240 12.69 29.69 23.97
CA ARG B 240 13.73 30.71 23.93
C ARG B 240 13.23 32.04 24.46
N LEU B 241 12.08 32.50 23.95
CA LEU B 241 11.58 33.82 24.34
C LEU B 241 11.20 33.88 25.81
N HIS B 242 10.82 32.75 26.41
CA HIS B 242 10.40 32.70 27.80
C HIS B 242 11.01 31.48 28.46
N PRO B 243 12.28 31.55 28.85
CA PRO B 243 12.89 30.42 29.58
C PRO B 243 12.28 30.19 30.94
N GLU B 244 11.65 31.20 31.54
CA GLU B 244 11.03 31.02 32.85
C GLU B 244 9.77 30.17 32.77
N TRP B 245 9.05 30.22 31.65
CA TRP B 245 7.84 29.43 31.51
C TRP B 245 8.15 27.93 31.63
N ASP B 246 7.23 27.20 32.25
CA ASP B 246 7.39 25.77 32.41
C ASP B 246 6.74 25.03 31.23
N ASP B 247 6.79 23.69 31.28
CA ASP B 247 6.24 22.88 30.20
C ASP B 247 4.77 23.19 29.96
N GLU B 248 4.00 23.37 31.04
CA GLU B 248 2.55 23.54 30.88
C GLU B 248 2.22 24.85 30.18
N ARG B 249 2.98 25.92 30.46
CA ARG B 249 2.67 27.22 29.88
C ARG B 249 3.00 27.26 28.40
N VAL B 250 4.23 26.89 28.02
CA VAL B 250 4.62 26.91 26.62
C VAL B 250 3.81 25.93 25.80
N PHE B 251 3.18 24.94 26.44
CA PHE B 251 2.27 24.06 25.71
C PHE B 251 0.96 24.77 25.38
N GLN B 252 0.32 25.37 26.39
CA GLN B 252 -0.98 26.00 26.17
C GLN B 252 -0.87 27.14 25.17
N GLN B 253 0.20 27.94 25.24
CA GLN B 253 0.40 28.99 24.25
C GLN B 253 0.56 28.40 22.85
N SER B 254 1.23 27.25 22.75
CA SER B 254 1.33 26.57 21.47
C SER B 254 -0.01 26.00 21.04
N ARG B 255 -0.73 25.37 21.96
CA ARG B 255 -2.08 24.89 21.66
C ARG B 255 -2.98 26.04 21.25
N SER B 256 -2.80 27.21 21.87
CA SER B 256 -3.61 28.36 21.51
C SER B 256 -3.31 28.83 20.09
N CYS B 257 -2.04 28.86 19.70
CA CYS B 257 -1.68 29.27 18.36
C CYS B 257 -2.20 28.28 17.33
N ILE B 258 -2.02 26.99 17.58
CA ILE B 258 -2.48 25.96 16.64
C ILE B 258 -3.98 26.09 16.42
N ILE B 259 -4.74 26.20 17.52
CA ILE B 259 -6.19 26.34 17.39
C ILE B 259 -6.53 27.56 16.54
N GLU B 260 -5.87 28.69 16.81
CA GLU B 260 -6.05 29.86 15.97
C GLU B 260 -5.70 29.57 14.52
N GLN B 261 -4.61 28.84 14.28
CA GLN B 261 -4.21 28.52 12.91
C GLN B 261 -5.27 27.67 12.22
N ILE B 262 -5.75 26.63 12.89
CA ILE B 262 -6.79 25.78 12.32
C ILE B 262 -8.03 26.60 12.01
N GLN B 263 -8.41 27.50 12.93
CA GLN B 263 -9.61 28.30 12.73
C GLN B 263 -9.44 29.30 11.59
N LYS B 264 -8.24 29.89 11.45
CA LYS B 264 -8.07 30.95 10.46
C LYS B 264 -8.15 30.40 9.04
N ILE B 265 -7.37 29.36 8.74
CA ILE B 265 -7.36 28.83 7.38
C ILE B 265 -8.61 28.04 7.05
N THR B 266 -9.49 27.81 8.02
CA THR B 266 -10.80 27.27 7.74
C THR B 266 -11.75 28.36 7.26
N TYR B 267 -11.78 29.49 7.97
CA TYR B 267 -12.69 30.58 7.64
C TYR B 267 -12.15 31.53 6.59
N ASP B 268 -10.82 31.62 6.44
CA ASP B 268 -10.24 32.52 5.44
C ASP B 268 -9.97 31.83 4.11
N GLU B 269 -9.90 30.50 4.07
CA GLU B 269 -9.59 29.79 2.84
C GLU B 269 -10.61 28.70 2.54
N TYR B 270 -10.84 27.78 3.47
CA TYR B 270 -11.68 26.62 3.19
C TYR B 270 -13.12 27.03 2.91
N LEU B 271 -13.74 27.77 3.83
CA LEU B 271 -15.15 28.11 3.69
C LEU B 271 -15.36 29.05 2.50
N PRO B 272 -14.51 30.07 2.30
CA PRO B 272 -14.62 30.84 1.05
C PRO B 272 -14.47 29.99 -0.20
N THR B 273 -13.67 28.92 -0.15
CA THR B 273 -13.55 28.03 -1.29
C THR B 273 -14.79 27.15 -1.43
N THR B 274 -15.45 26.82 -0.33
CA THR B 274 -16.65 25.99 -0.37
C THR B 274 -17.88 26.81 -0.79
N LEU B 275 -18.12 27.93 -0.10
CA LEU B 275 -19.33 28.71 -0.31
C LEU B 275 -19.11 29.92 -1.20
N GLY B 276 -17.92 30.11 -1.74
CA GLY B 276 -17.58 31.29 -2.53
C GLY B 276 -17.03 32.43 -1.70
N SER B 277 -17.58 32.63 -0.51
CA SER B 277 -17.07 33.64 0.42
C SER B 277 -17.62 33.31 1.81
N PHE B 278 -17.31 34.19 2.77
CA PHE B 278 -17.83 34.04 4.12
C PHE B 278 -17.74 35.39 4.84
N PRO B 279 -18.79 35.82 5.54
CA PRO B 279 -18.77 37.18 6.11
C PRO B 279 -17.67 37.34 7.15
N SER B 280 -17.32 38.60 7.38
CA SER B 280 -16.30 38.92 8.37
C SER B 280 -16.84 38.76 9.79
N TYR B 281 -15.94 38.44 10.71
CA TYR B 281 -16.34 38.17 12.09
C TYR B 281 -17.06 39.37 12.69
N THR B 282 -18.22 39.11 13.30
CA THR B 282 -19.02 40.16 13.94
C THR B 282 -18.67 40.31 15.41
N GLY B 283 -18.52 39.21 16.13
CA GLY B 283 -18.23 39.25 17.55
C GLY B 283 -18.85 38.06 18.25
N TYR B 284 -18.33 37.76 19.43
CA TYR B 284 -18.83 36.64 20.20
C TYR B 284 -20.22 36.93 20.76
N ASP B 285 -21.11 35.94 20.64
CA ASP B 285 -22.48 36.05 21.13
C ASP B 285 -22.70 34.92 22.11
N ALA B 286 -22.82 35.26 23.39
CA ALA B 286 -22.99 34.24 24.43
C ALA B 286 -24.31 33.48 24.28
N ASN B 287 -25.25 34.00 23.50
CA ASN B 287 -26.52 33.30 23.29
C ASN B 287 -26.43 32.25 22.20
N VAL B 288 -25.51 32.42 21.24
CA VAL B 288 -25.43 31.50 20.12
C VAL B 288 -24.96 30.13 20.61
N ASN B 289 -25.67 29.08 20.19
CA ASN B 289 -25.29 27.71 20.50
C ASN B 289 -24.40 27.19 19.38
N ALA B 290 -23.18 26.77 19.74
CA ALA B 290 -22.21 26.28 18.77
C ALA B 290 -22.29 24.78 18.55
N GLN B 291 -23.23 24.10 19.20
CA GLN B 291 -23.35 22.65 19.03
C GLN B 291 -23.60 22.30 17.57
N VAL B 292 -23.04 21.16 17.16
CA VAL B 292 -23.19 20.71 15.77
C VAL B 292 -24.64 20.28 15.54
N SER B 293 -25.19 20.67 14.40
CA SER B 293 -26.54 20.27 14.04
C SER B 293 -26.53 18.89 13.40
N ASN B 294 -27.59 18.12 13.66
CA ASN B 294 -27.66 16.76 13.16
C ASN B 294 -27.65 16.74 11.63
N GLU B 295 -28.35 17.68 11.00
CA GLU B 295 -28.40 17.70 9.54
C GLU B 295 -27.05 18.02 8.93
N PHE B 296 -26.29 18.93 9.55
CA PHE B 296 -24.99 19.31 9.03
C PHE B 296 -24.06 18.10 8.91
N THR B 297 -23.83 17.41 10.03
CA THR B 297 -22.84 16.34 10.03
C THR B 297 -23.34 15.10 9.30
N THR B 298 -24.63 14.79 9.41
CA THR B 298 -25.13 13.55 8.83
C THR B 298 -25.50 13.70 7.36
N THR B 299 -25.83 14.91 6.90
CA THR B 299 -26.24 15.12 5.51
C THR B 299 -25.31 16.09 4.79
N ALA B 300 -25.36 17.38 5.13
CA ALA B 300 -24.75 18.40 4.29
C ALA B 300 -23.25 18.19 4.14
N PHE B 301 -22.52 18.18 5.25
CA PHE B 301 -21.07 18.14 5.20
C PHE B 301 -20.51 16.81 4.74
N ARG B 302 -21.36 15.80 4.51
CA ARG B 302 -20.90 14.56 3.90
C ARG B 302 -20.79 14.66 2.38
N PHE B 303 -20.92 15.86 1.82
CA PHE B 303 -20.68 16.04 0.40
C PHE B 303 -19.26 15.64 0.01
N GLY B 304 -18.31 15.79 0.94
CA GLY B 304 -16.92 15.49 0.63
C GLY B 304 -16.71 14.07 0.13
N HIS B 305 -17.59 13.15 0.53
CA HIS B 305 -17.46 11.78 0.07
C HIS B 305 -17.61 11.67 -1.45
N SER B 306 -18.21 12.67 -2.09
CA SER B 306 -18.36 12.64 -3.54
C SER B 306 -17.13 13.20 -4.26
N GLU B 307 -16.36 14.07 -3.61
CA GLU B 307 -15.23 14.73 -4.27
C GLU B 307 -13.93 13.96 -4.13
N VAL B 308 -13.91 12.85 -3.38
CA VAL B 308 -12.68 12.08 -3.23
C VAL B 308 -12.37 11.36 -4.53
N GLY B 309 -11.11 11.41 -4.95
CA GLY B 309 -10.65 10.77 -6.16
C GLY B 309 -10.10 9.38 -5.90
N PRO B 310 -9.84 8.63 -6.98
CA PRO B 310 -9.49 7.21 -6.84
C PRO B 310 -8.06 6.93 -6.42
N PHE B 311 -7.16 7.91 -6.48
CA PHE B 311 -5.74 7.66 -6.21
C PHE B 311 -5.20 8.68 -5.23
N MET B 312 -4.23 8.22 -4.43
CA MET B 312 -3.42 9.09 -3.57
C MET B 312 -2.08 9.28 -4.29
N GLU B 313 -1.93 10.42 -4.95
CA GLU B 313 -0.78 10.65 -5.82
C GLU B 313 0.48 10.98 -5.03
N TYR B 314 1.62 10.49 -5.53
CA TYR B 314 2.93 10.79 -4.96
C TYR B 314 3.77 11.52 -6.01
N TYR B 315 4.51 12.53 -5.57
CA TYR B 315 5.35 13.32 -6.45
C TYR B 315 6.67 13.63 -5.76
N SER B 316 7.73 13.75 -6.56
CA SER B 316 9.03 14.18 -6.06
C SER B 316 9.11 15.70 -6.12
N GLU B 317 10.22 16.25 -5.60
CA GLU B 317 10.39 17.70 -5.64
C GLU B 317 10.45 18.21 -7.08
N ASN B 318 11.18 17.51 -7.95
CA ASN B 318 11.32 17.95 -9.33
C ASN B 318 10.04 17.74 -10.16
N GLY B 319 8.97 17.22 -9.57
CA GLY B 319 7.68 17.21 -10.20
C GLY B 319 7.30 15.94 -10.95
N THR B 320 8.08 14.88 -10.82
CA THR B 320 7.77 13.60 -11.46
C THR B 320 6.91 12.76 -10.52
N ARG B 321 5.85 12.15 -11.08
CA ARG B 321 4.91 11.39 -10.26
C ARG B 321 5.44 9.99 -9.99
N LEU B 322 5.27 9.53 -8.76
CA LEU B 322 5.75 8.23 -8.31
C LEU B 322 4.61 7.21 -8.38
N GLN B 323 4.79 6.06 -7.73
CA GLN B 323 3.75 5.05 -7.61
C GLN B 323 2.54 5.64 -6.89
N PRO B 324 1.39 5.79 -7.54
CA PRO B 324 0.21 6.26 -6.83
C PRO B 324 -0.37 5.17 -5.97
N LEU B 325 -1.03 5.58 -4.88
CA LEU B 325 -1.66 4.64 -3.96
C LEU B 325 -3.16 4.68 -4.16
N PRO B 326 -3.80 3.59 -4.61
CA PRO B 326 -5.26 3.59 -4.69
C PRO B 326 -5.89 3.80 -3.32
N ILE B 327 -7.04 4.48 -3.30
CA ILE B 327 -7.71 4.76 -2.05
C ILE B 327 -8.09 3.46 -1.35
N LYS B 328 -8.60 2.48 -2.09
CA LYS B 328 -9.07 1.24 -1.48
C LYS B 328 -7.95 0.47 -0.78
N PHE B 329 -6.69 0.82 -1.05
CA PHE B 329 -5.55 0.21 -0.38
C PHE B 329 -4.88 1.17 0.60
N SER B 330 -5.52 2.30 0.92
CA SER B 330 -4.91 3.33 1.75
C SER B 330 -5.57 3.49 3.12
N TYR B 331 -6.55 2.64 3.46
CA TYR B 331 -7.23 2.76 4.74
C TYR B 331 -6.37 2.15 5.83
N PHE B 332 -6.05 2.95 6.84
CA PHE B 332 -5.25 2.49 7.98
C PHE B 332 -3.99 1.77 7.50
N ASN B 333 -3.22 2.49 6.69
CA ASN B 333 -2.02 1.97 6.04
C ASN B 333 -0.83 2.82 6.46
N PRO B 334 -0.11 2.41 7.51
CA PRO B 334 1.08 3.18 7.93
C PRO B 334 2.18 3.20 6.88
N HIS B 335 2.28 2.17 6.05
CA HIS B 335 3.31 2.14 5.01
C HIS B 335 3.16 3.30 4.04
N ALA B 336 1.96 3.88 3.92
CA ALA B 336 1.75 5.02 3.05
C ALA B 336 2.63 6.20 3.43
N LEU B 337 3.21 6.19 4.64
CA LEU B 337 4.14 7.23 5.08
C LEU B 337 5.58 6.73 5.10
N ASN B 338 5.87 5.60 4.46
CA ASN B 338 7.24 5.10 4.42
C ASN B 338 8.18 6.16 3.87
N ARG B 339 7.83 6.73 2.72
CA ARG B 339 8.66 7.72 2.04
C ARG B 339 8.39 9.15 2.52
N GLY B 340 8.05 9.32 3.80
CA GLY B 340 7.77 10.64 4.34
C GLY B 340 6.39 11.16 3.96
N VAL B 341 6.11 12.39 4.39
CA VAL B 341 4.84 13.03 4.08
C VAL B 341 4.94 14.01 2.90
N GLU B 342 6.14 14.40 2.50
CA GLU B 342 6.28 15.38 1.42
C GLU B 342 5.71 14.87 0.10
N PRO B 343 5.99 13.63 -0.33
CA PRO B 343 5.37 13.15 -1.58
C PRO B 343 3.85 13.17 -1.53
N LEU B 344 3.26 12.77 -0.40
CA LEU B 344 1.81 12.89 -0.23
C LEU B 344 1.36 14.32 -0.44
N ILE B 345 1.95 15.26 0.30
CA ILE B 345 1.52 16.65 0.23
C ILE B 345 1.72 17.20 -1.17
N ARG B 346 2.82 16.82 -1.83
CA ARG B 346 3.05 17.26 -3.20
C ARG B 346 1.93 16.81 -4.13
N GLY B 347 1.49 15.56 -3.99
CA GLY B 347 0.40 15.07 -4.80
C GLY B 347 -0.92 15.74 -4.46
N LEU B 348 -1.18 15.95 -3.17
CA LEU B 348 -2.47 16.50 -2.75
C LEU B 348 -2.72 17.87 -3.35
N ILE B 349 -1.67 18.70 -3.47
CA ILE B 349 -1.84 20.06 -3.93
C ILE B 349 -1.84 20.19 -5.45
N ILE B 350 -1.35 19.18 -6.18
CA ILE B 350 -1.22 19.30 -7.63
C ILE B 350 -2.32 18.54 -8.35
N ASN B 351 -2.88 17.51 -7.71
CA ASN B 351 -3.86 16.64 -8.37
C ASN B 351 -5.28 17.14 -8.11
N GLU B 352 -6.08 17.22 -9.16
CA GLU B 352 -7.48 17.60 -9.02
C GLU B 352 -8.29 16.48 -8.37
N GLU B 353 -9.33 16.88 -7.64
CA GLU B 353 -10.23 15.94 -6.99
C GLU B 353 -11.45 15.70 -7.87
N GLU B 354 -12.31 14.79 -7.43
CA GLU B 354 -13.53 14.49 -8.17
C GLU B 354 -14.57 15.57 -7.95
N ASN B 355 -15.56 15.59 -8.84
CA ASN B 355 -16.61 16.59 -8.78
C ASN B 355 -17.66 16.23 -7.74
N ILE B 356 -18.23 17.27 -7.11
CA ILE B 356 -19.25 17.10 -6.08
C ILE B 356 -20.57 16.88 -6.81
N ASP B 357 -20.98 15.62 -6.92
CA ASP B 357 -22.20 15.23 -7.60
C ASP B 357 -22.71 13.95 -6.95
N ILE B 358 -23.65 13.27 -7.62
CA ILE B 358 -24.21 12.03 -7.06
C ILE B 358 -23.28 10.84 -7.20
N TYR B 359 -22.19 10.97 -7.94
CA TYR B 359 -21.32 9.84 -8.24
C TYR B 359 -20.22 9.69 -7.20
N MET B 360 -19.99 8.46 -6.76
CA MET B 360 -18.98 8.13 -5.76
C MET B 360 -18.09 7.02 -6.29
N ILE B 361 -16.78 7.14 -6.05
CA ILE B 361 -15.82 6.16 -6.57
C ILE B 361 -16.04 4.81 -5.90
N SER B 362 -15.87 3.74 -6.68
CA SER B 362 -16.02 2.39 -6.15
C SER B 362 -15.10 2.12 -4.97
N ASP B 363 -13.98 2.84 -4.88
CA ASP B 363 -13.09 2.66 -3.73
C ASP B 363 -13.84 2.87 -2.43
N LEU B 364 -14.68 3.90 -2.37
CA LEU B 364 -15.48 4.17 -1.18
C LEU B 364 -16.82 3.47 -1.20
N ARG B 365 -17.35 3.16 -2.38
CA ARG B 365 -18.70 2.58 -2.49
C ARG B 365 -18.71 1.07 -2.47
N ASN B 366 -17.56 0.41 -2.68
CA ASN B 366 -17.51 -1.05 -2.72
C ASN B 366 -16.34 -1.66 -1.95
N PHE B 367 -15.25 -0.93 -1.72
CA PHE B 367 -14.07 -1.47 -1.08
C PHE B 367 -13.69 -0.65 0.15
N LEU B 368 -14.68 -0.15 0.88
CA LEU B 368 -14.43 0.62 2.08
C LEU B 368 -13.94 -0.30 3.20
N PHE B 369 -12.66 -0.15 3.57
CA PHE B 369 -12.07 -0.90 4.68
C PHE B 369 -12.06 -2.40 4.42
N GLY B 370 -11.97 -2.81 3.16
CA GLY B 370 -11.88 -4.21 2.82
C GLY B 370 -12.49 -4.47 1.46
N LYS B 371 -12.66 -5.78 1.16
CA LYS B 371 -13.27 -6.23 -0.07
C LYS B 371 -14.71 -6.68 0.17
N PRO B 372 -15.57 -6.61 -0.85
CA PRO B 372 -16.95 -7.10 -0.69
C PRO B 372 -16.97 -8.57 -0.31
N GLY B 373 -18.06 -8.97 0.35
CA GLY B 373 -18.25 -10.37 0.71
C GLY B 373 -17.27 -10.91 1.71
N GLN B 374 -16.45 -10.05 2.32
CA GLN B 374 -15.49 -10.48 3.33
C GLN B 374 -15.60 -9.60 4.56
N GLY B 375 -15.17 -8.35 4.44
CA GLY B 375 -15.34 -7.37 5.50
C GLY B 375 -15.62 -5.98 4.99
N GLY B 376 -15.46 -5.77 3.68
CA GLY B 376 -15.60 -4.43 3.13
C GLY B 376 -17.02 -3.90 3.28
N LEU B 377 -17.14 -2.58 3.15
CA LEU B 377 -18.41 -1.89 3.33
C LEU B 377 -18.61 -0.89 2.20
N ASP B 378 -19.71 -0.14 2.31
CA ASP B 378 -20.11 0.84 1.31
C ASP B 378 -20.33 2.16 2.01
N LEU B 379 -19.57 3.19 1.62
CA LEU B 379 -19.69 4.48 2.30
C LEU B 379 -21.01 5.14 1.98
N ALA B 380 -21.52 4.98 0.76
CA ALA B 380 -22.82 5.55 0.42
C ALA B 380 -23.94 4.87 1.20
N SER B 381 -23.94 3.54 1.22
CA SER B 381 -24.96 2.82 2.00
C SER B 381 -24.89 3.18 3.47
N ARG B 382 -23.70 3.48 3.97
CA ARG B 382 -23.57 3.88 5.38
C ARG B 382 -24.12 5.29 5.59
N ASN B 383 -23.88 6.20 4.64
CA ASN B 383 -24.46 7.53 4.75
C ASN B 383 -25.98 7.46 4.73
N LEU B 384 -26.55 6.63 3.86
CA LEU B 384 -28.00 6.54 3.74
C LEU B 384 -28.62 5.92 4.99
N GLN B 385 -27.99 4.88 5.54
CA GLN B 385 -28.49 4.30 6.79
C GLN B 385 -28.38 5.30 7.93
N ARG B 386 -27.32 6.11 7.95
CA ARG B 386 -27.17 7.10 9.02
C ARG B 386 -28.22 8.19 8.89
N ASN B 387 -28.47 8.66 7.67
CA ASN B 387 -29.54 9.63 7.46
C ASN B 387 -30.88 9.07 7.91
N ARG B 388 -31.17 7.82 7.53
CA ARG B 388 -32.42 7.19 7.94
C ARG B 388 -32.41 6.83 9.42
N ASP B 389 -31.23 6.48 9.96
CA ASP B 389 -31.11 6.22 11.39
C ASP B 389 -31.49 7.45 12.21
N HIS B 390 -31.09 8.63 11.74
CA HIS B 390 -31.32 9.88 12.47
C HIS B 390 -32.69 10.48 12.17
N GLY B 391 -33.45 9.92 11.25
CA GLY B 391 -34.75 10.48 10.93
C GLY B 391 -34.66 11.81 10.21
N ILE B 392 -33.68 11.96 9.32
CA ILE B 392 -33.58 13.20 8.53
C ILE B 392 -34.74 13.25 7.55
N PRO B 393 -35.55 14.31 7.54
CA PRO B 393 -36.75 14.31 6.71
C PRO B 393 -36.41 14.20 5.23
N PRO B 394 -37.39 13.87 4.38
CA PRO B 394 -37.11 13.77 2.93
C PRO B 394 -36.63 15.07 2.31
N TYR B 395 -36.28 15.01 1.03
CA TYR B 395 -35.69 16.15 0.34
C TYR B 395 -36.57 17.39 0.45
N ASN B 396 -37.82 17.29 -0.01
CA ASN B 396 -38.69 18.46 -0.01
C ASN B 396 -39.07 18.86 1.41
N SER B 397 -39.31 17.89 2.28
CA SER B 397 -39.66 18.21 3.67
C SER B 397 -38.55 19.02 4.34
N LEU B 398 -37.29 18.67 4.07
CA LEU B 398 -36.18 19.44 4.60
C LEU B 398 -36.12 20.82 3.93
N ARG B 399 -36.22 20.85 2.60
CA ARG B 399 -36.26 22.12 1.90
C ARG B 399 -37.36 23.01 2.46
N ARG B 400 -38.51 22.42 2.77
CA ARG B 400 -39.62 23.19 3.35
C ARG B 400 -39.19 23.88 4.63
N GLN B 401 -38.51 23.17 5.52
CA GLN B 401 -38.14 23.70 6.82
C GLN B 401 -36.87 24.54 6.79
N LEU B 402 -36.25 24.75 5.63
CA LEU B 402 -35.12 25.66 5.50
C LEU B 402 -35.51 26.97 4.81
N GLY B 403 -36.80 27.20 4.59
CA GLY B 403 -37.25 28.37 3.87
C GLY B 403 -37.11 28.29 2.37
N LEU B 404 -36.80 27.11 1.83
CA LEU B 404 -36.57 26.94 0.40
C LEU B 404 -37.83 26.41 -0.27
N ARG B 405 -38.03 26.81 -1.51
CA ARG B 405 -39.19 26.33 -2.26
C ARG B 405 -39.04 24.84 -2.54
N PRO B 406 -40.05 24.02 -2.27
CA PRO B 406 -39.92 22.59 -2.53
C PRO B 406 -39.88 22.29 -4.02
N VAL B 407 -39.44 21.08 -4.34
CA VAL B 407 -39.43 20.59 -5.72
C VAL B 407 -40.80 20.02 -6.05
N GLN B 408 -41.19 20.14 -7.32
CA GLN B 408 -42.43 19.55 -7.82
C GLN B 408 -42.19 18.46 -8.86
N THR B 409 -41.17 18.60 -9.70
CA THR B 409 -40.86 17.60 -10.72
C THR B 409 -39.38 17.27 -10.71
N TRP B 410 -39.04 16.16 -11.35
CA TRP B 410 -37.64 15.76 -11.45
C TRP B 410 -36.85 16.75 -12.30
N SER B 411 -37.52 17.44 -13.23
CA SER B 411 -36.83 18.31 -14.16
C SER B 411 -36.16 19.48 -13.45
N ASP B 412 -36.82 20.07 -12.46
CA ASP B 412 -36.33 21.28 -11.82
C ASP B 412 -35.29 21.01 -10.74
N ILE B 413 -34.81 19.77 -10.61
CA ILE B 413 -33.62 19.49 -9.80
C ILE B 413 -32.37 19.56 -10.65
N THR B 414 -32.39 18.90 -11.81
CA THR B 414 -31.23 18.82 -12.68
C THR B 414 -31.71 18.67 -14.11
N SER B 415 -30.77 18.82 -15.05
CA SER B 415 -31.03 18.63 -16.47
C SER B 415 -30.22 17.49 -17.06
N ASP B 416 -29.56 16.70 -16.23
CA ASP B 416 -28.76 15.58 -16.72
C ASP B 416 -29.65 14.36 -16.89
N PRO B 417 -29.81 13.82 -18.11
CA PRO B 417 -30.66 12.62 -18.26
C PRO B 417 -30.22 11.47 -17.38
N GLN B 418 -28.91 11.24 -17.23
CA GLN B 418 -28.43 10.19 -16.35
C GLN B 418 -28.95 10.38 -14.93
N ILE B 419 -28.79 11.59 -14.38
CA ILE B 419 -29.20 11.84 -13.00
C ILE B 419 -30.71 11.68 -12.85
N GLN B 420 -31.47 12.21 -13.81
CA GLN B 420 -32.93 12.04 -13.78
C GLN B 420 -33.30 10.56 -13.87
N ASN B 421 -32.65 9.83 -14.78
CA ASN B 421 -32.92 8.40 -14.92
C ASN B 421 -32.76 7.66 -13.60
N ARG B 422 -31.70 7.98 -12.85
CA ARG B 422 -31.44 7.26 -11.61
C ARG B 422 -32.37 7.69 -10.48
N LEU B 423 -32.65 9.00 -10.39
CA LEU B 423 -33.61 9.46 -9.38
C LEU B 423 -34.95 8.75 -9.54
N LYS B 424 -35.36 8.51 -10.78
CA LYS B 424 -36.64 7.84 -11.04
C LYS B 424 -36.54 6.34 -10.84
N ASN B 425 -35.38 5.74 -11.10
CA ASN B 425 -35.18 4.33 -10.79
C ASN B 425 -35.09 4.08 -9.29
N ALA B 426 -34.76 5.11 -8.51
CA ALA B 426 -34.58 4.95 -7.06
C ALA B 426 -35.81 5.35 -6.25
N TYR B 427 -36.58 6.34 -6.71
CA TYR B 427 -37.74 6.82 -5.99
C TYR B 427 -38.93 6.91 -6.92
N LYS B 428 -40.12 6.77 -6.35
CA LYS B 428 -41.35 6.91 -7.13
C LYS B 428 -41.84 8.35 -7.19
N SER B 429 -41.49 9.18 -6.20
CA SER B 429 -41.90 10.57 -6.17
C SER B 429 -40.75 11.42 -5.67
N VAL B 430 -40.71 12.68 -6.13
CA VAL B 430 -39.70 13.62 -5.67
C VAL B 430 -39.82 13.82 -4.16
N ASP B 431 -41.02 13.67 -3.62
CA ASP B 431 -41.24 13.81 -2.19
C ASP B 431 -40.62 12.68 -1.38
N ASP B 432 -40.15 11.63 -2.03
CA ASP B 432 -39.54 10.49 -1.36
C ASP B 432 -38.01 10.52 -1.38
N ILE B 433 -37.40 11.50 -2.05
CA ILE B 433 -35.96 11.52 -2.21
C ILE B 433 -35.30 11.76 -0.85
N ASP B 434 -34.29 10.95 -0.54
CA ASP B 434 -33.47 11.20 0.64
C ASP B 434 -32.75 12.54 0.51
N SER B 435 -32.74 13.30 1.60
CA SER B 435 -32.15 14.64 1.56
C SER B 435 -30.71 14.60 1.09
N TYR B 436 -29.94 13.59 1.52
CA TYR B 436 -28.55 13.50 1.10
C TYR B 436 -28.44 13.32 -0.41
N VAL B 437 -29.22 12.39 -0.96
CA VAL B 437 -29.20 12.16 -2.41
C VAL B 437 -29.65 13.43 -3.14
N GLY B 438 -30.81 13.97 -2.75
CA GLY B 438 -31.31 15.17 -3.41
C GLY B 438 -30.32 16.31 -3.36
N GLY B 439 -29.57 16.41 -2.25
CA GLY B 439 -28.64 17.52 -2.10
C GLY B 439 -27.46 17.44 -3.06
N LEU B 440 -26.97 16.22 -3.31
CA LEU B 440 -25.87 16.05 -4.25
C LEU B 440 -26.34 16.21 -5.69
N ALA B 441 -27.62 15.92 -5.97
CA ALA B 441 -28.14 16.05 -7.32
C ALA B 441 -28.29 17.51 -7.75
N GLU B 442 -28.36 18.43 -6.79
CA GLU B 442 -28.56 19.84 -7.12
C GLU B 442 -27.39 20.38 -7.93
N ASP B 443 -27.68 21.39 -8.75
CA ASP B 443 -26.62 22.13 -9.41
C ASP B 443 -25.89 23.01 -8.40
N HIS B 444 -24.63 23.28 -8.68
CA HIS B 444 -23.83 24.09 -7.77
C HIS B 444 -24.29 25.55 -7.80
N MET B 445 -24.20 26.19 -6.64
CA MET B 445 -24.53 27.60 -6.53
C MET B 445 -23.49 28.44 -7.27
N GLU B 446 -23.85 29.71 -7.50
CA GLU B 446 -22.94 30.64 -8.15
C GLU B 446 -21.68 30.82 -7.30
N GLY B 447 -20.53 30.44 -7.87
CA GLY B 447 -19.27 30.60 -7.17
C GLY B 447 -19.05 29.66 -6.01
N SER B 448 -19.88 28.62 -5.87
CA SER B 448 -19.75 27.64 -4.80
C SER B 448 -19.67 26.25 -5.41
N CYS B 449 -19.21 25.29 -4.60
CA CYS B 449 -19.06 23.91 -5.05
C CYS B 449 -20.13 22.99 -4.46
N VAL B 450 -21.17 23.54 -3.83
CA VAL B 450 -22.29 22.76 -3.32
C VAL B 450 -23.59 23.42 -3.75
N GLY B 451 -24.68 22.67 -3.63
CA GLY B 451 -25.99 23.15 -4.02
C GLY B 451 -26.63 24.04 -2.98
N GLN B 452 -27.79 24.58 -3.36
CA GLN B 452 -28.52 25.50 -2.48
C GLN B 452 -28.74 24.90 -1.09
N THR B 453 -29.31 23.68 -1.04
CA THR B 453 -29.62 23.08 0.25
C THR B 453 -28.36 22.86 1.09
N PHE B 454 -27.35 22.21 0.51
CA PHE B 454 -26.10 22.01 1.23
C PHE B 454 -25.46 23.34 1.60
N TYR B 455 -25.49 24.32 0.68
CA TYR B 455 -24.94 25.63 0.97
C TYR B 455 -25.54 26.21 2.24
N LEU B 456 -26.87 26.16 2.36
CA LEU B 456 -27.54 26.78 3.51
C LEU B 456 -27.16 26.08 4.81
N ILE B 457 -27.16 24.75 4.81
CA ILE B 457 -26.85 24.02 6.04
C ILE B 457 -25.41 24.28 6.48
N ILE B 458 -24.47 24.27 5.53
CA ILE B 458 -23.07 24.50 5.86
C ILE B 458 -22.87 25.93 6.35
N TYR B 459 -23.43 26.91 5.62
CA TYR B 459 -23.28 28.29 6.03
C TYR B 459 -23.84 28.51 7.43
N GLU B 460 -25.01 27.95 7.72
CA GLU B 460 -25.66 28.16 9.02
C GLU B 460 -24.86 27.55 10.15
N GLN B 461 -24.19 26.42 9.91
CA GLN B 461 -23.42 25.76 10.96
C GLN B 461 -22.22 26.60 11.35
N PHE B 462 -21.39 26.98 10.37
CA PHE B 462 -20.12 27.63 10.69
C PHE B 462 -20.30 29.04 11.23
N PHE B 463 -21.43 29.69 10.94
CA PHE B 463 -21.70 30.97 11.58
C PHE B 463 -21.85 30.81 13.09
N ARG B 464 -22.36 29.66 13.53
CA ARG B 464 -22.58 29.44 14.97
C ARG B 464 -21.31 29.01 15.68
N THR B 465 -20.53 28.11 15.08
CA THR B 465 -19.30 27.66 15.72
C THR B 465 -18.32 28.82 15.91
N ARG B 466 -18.40 29.85 15.05
CA ARG B 466 -17.56 31.02 15.20
C ARG B 466 -18.14 31.98 16.25
N ALA B 467 -19.37 32.44 16.03
CA ALA B 467 -19.99 33.41 16.92
C ALA B 467 -20.33 32.80 18.27
N GLY B 468 -20.47 31.47 18.36
CA GLY B 468 -20.78 30.82 19.62
C GLY B 468 -19.58 30.40 20.43
N ASP B 469 -18.37 30.57 19.89
CA ASP B 469 -17.14 30.19 20.56
C ASP B 469 -16.60 31.39 21.34
N ARG B 470 -16.43 31.22 22.66
CA ARG B 470 -15.93 32.31 23.49
C ARG B 470 -14.43 32.51 23.31
N PHE B 471 -13.71 31.44 22.94
CA PHE B 471 -12.26 31.50 22.75
C PHE B 471 -11.88 31.74 21.29
N TRP B 472 -12.78 32.30 20.49
CA TRP B 472 -12.48 32.52 19.08
C TRP B 472 -11.26 33.42 18.94
N TYR B 473 -10.42 33.12 17.94
CA TYR B 473 -9.12 33.76 17.85
C TYR B 473 -9.21 35.25 17.55
N GLU B 474 -10.31 35.72 16.96
CA GLU B 474 -10.44 37.12 16.59
C GLU B 474 -11.02 37.99 17.71
N THR B 475 -11.43 37.40 18.83
CA THR B 475 -11.92 38.21 19.94
C THR B 475 -10.76 39.01 20.54
N PRO B 476 -11.01 40.24 21.00
CA PRO B 476 -9.89 41.09 21.46
C PRO B 476 -8.99 40.43 22.49
N GLU B 477 -9.53 39.57 23.36
CA GLU B 477 -8.70 38.93 24.37
C GLU B 477 -7.73 37.93 23.73
N MET B 478 -8.22 37.10 22.82
CA MET B 478 -7.35 36.10 22.19
C MET B 478 -6.32 36.74 21.27
N ARG B 479 -6.63 37.91 20.70
CA ARG B 479 -5.61 38.66 19.97
C ARG B 479 -4.42 38.95 20.87
N MET B 480 -4.69 39.27 22.13
CA MET B 480 -3.61 39.50 23.08
C MET B 480 -2.91 38.19 23.45
N VAL B 481 -3.69 37.15 23.75
CA VAL B 481 -3.09 35.86 24.11
C VAL B 481 -2.25 35.32 22.96
N ASN B 482 -2.66 35.58 21.72
CA ASN B 482 -1.98 35.04 20.55
C ASN B 482 -1.19 36.09 19.79
N ARG B 483 -0.76 37.16 20.47
CA ARG B 483 -0.01 38.21 19.78
C ARG B 483 1.33 37.70 19.27
N GLU B 484 1.90 36.68 19.92
CA GLU B 484 3.18 36.11 19.52
C GLU B 484 3.04 34.88 18.65
N CYS B 485 1.83 34.56 18.18
CA CYS B 485 1.67 33.46 17.24
C CYS B 485 2.02 33.92 15.83
N GLU B 486 2.55 33.00 15.03
CA GLU B 486 2.91 33.28 13.64
C GLU B 486 1.84 32.75 12.69
N THR B 487 0.58 33.03 12.98
CA THR B 487 -0.52 32.47 12.20
C THR B 487 -0.50 33.04 10.79
N THR B 488 -0.44 32.16 9.80
CA THR B 488 -0.35 32.56 8.40
C THR B 488 -1.30 31.68 7.59
N THR B 489 -1.11 31.68 6.26
CA THR B 489 -1.93 30.87 5.37
C THR B 489 -1.48 29.41 5.39
N PHE B 490 -2.33 28.55 4.84
CA PHE B 490 -2.05 27.11 4.86
C PHE B 490 -0.83 26.77 4.00
N ALA B 491 -0.68 27.43 2.86
CA ALA B 491 0.49 27.18 2.01
C ALA B 491 1.79 27.49 2.74
N GLU B 492 1.79 28.50 3.61
CA GLU B 492 3.01 28.85 4.33
C GLU B 492 3.30 27.90 5.48
N VAL B 493 2.26 27.38 6.14
CA VAL B 493 2.47 26.39 7.19
C VAL B 493 3.10 25.13 6.61
N ILE B 494 2.82 24.82 5.34
CA ILE B 494 3.42 23.67 4.70
C ILE B 494 4.92 23.90 4.48
N LYS B 495 5.30 25.12 4.12
CA LYS B 495 6.70 25.41 3.84
C LYS B 495 7.55 25.31 5.10
N ARG B 496 7.01 25.74 6.24
CA ARG B 496 7.77 25.75 7.49
C ARG B 496 7.83 24.39 8.16
N THR B 497 6.95 23.44 7.78
CA THR B 497 6.90 22.14 8.41
C THR B 497 7.28 21.00 7.47
N THR B 498 7.79 21.31 6.28
CA THR B 498 8.22 20.30 5.33
C THR B 498 9.71 20.44 5.06
N SER B 499 10.25 19.49 4.30
CA SER B 499 11.65 19.45 3.92
C SER B 499 11.75 19.42 2.40
N ASN B 500 12.24 20.51 1.82
CA ASN B 500 12.41 20.62 0.37
C ASN B 500 11.13 20.21 -0.35
N ILE B 501 10.01 20.81 0.07
CA ILE B 501 8.72 20.41 -0.47
C ILE B 501 8.60 20.79 -1.95
N GLY B 502 9.32 21.81 -2.39
CA GLY B 502 9.20 22.29 -3.75
C GLY B 502 8.21 23.43 -3.85
N TYR B 503 7.69 23.62 -5.07
CA TYR B 503 6.74 24.69 -5.30
C TYR B 503 5.42 24.42 -4.59
N VAL B 504 4.82 25.49 -4.08
CA VAL B 504 3.53 25.44 -3.39
C VAL B 504 2.75 26.69 -3.78
N GLN B 505 1.59 26.52 -4.41
CA GLN B 505 0.80 27.67 -4.79
C GLN B 505 0.24 28.36 -3.54
N PRO B 506 -0.06 29.66 -3.62
CA PRO B 506 -0.59 30.35 -2.44
C PRO B 506 -1.88 29.72 -1.91
N ASN B 507 -2.79 29.33 -2.80
CA ASN B 507 -4.04 28.67 -2.40
C ASN B 507 -3.93 27.19 -2.78
N VAL B 508 -3.63 26.36 -1.77
CA VAL B 508 -3.41 24.94 -2.00
C VAL B 508 -4.73 24.20 -2.19
N PHE B 509 -5.85 24.92 -2.22
CA PHE B 509 -7.14 24.29 -2.43
C PHE B 509 -7.63 24.41 -3.86
N ARG B 510 -7.01 25.23 -4.70
CA ARG B 510 -7.47 25.45 -6.06
C ARG B 510 -6.38 25.10 -7.06
N LYS B 511 -6.82 24.81 -8.29
CA LYS B 511 -5.94 24.47 -9.41
C LYS B 511 -5.09 23.25 -9.10
#